data_4YGU
#
_entry.id   4YGU
#
_cell.length_a   55.318
_cell.length_b   101.555
_cell.length_c   137.313
_cell.angle_alpha   90.000
_cell.angle_beta   90.000
_cell.angle_gamma   90.000
#
_symmetry.space_group_name_H-M   'P 21 21 21'
#
loop_
_entity.id
_entity.type
_entity.pdbx_description
1 polymer 'putative adhesin'
2 non-polymer 1,2-ETHANEDIOL
3 non-polymer 'TRIETHYLENE GLYCOL'
4 non-polymer DI(HYDROXYETHYL)ETHER
5 water water
#
_entity_poly.entity_id   1
_entity_poly.type   'polypeptide(L)'
_entity_poly.pdbx_seq_one_letter_code
;GQDAKESEVRKVDAFSSIEITSVGTIHFTQSDTYSFRIEGREKYVKNTETTVKDGRLLIGFKDKKNKSRRNQKDGVTIWI
SAPDLKEVEFTGVGEFNCEKPLKLDEVSFEVKGVGEVNVADLTCNVLKVALRGVGSADIHVVCDYLSAQ(MSE)GGVGSV
TLSGSAGRADISKGGIGGVNTDNLKIGR
;
_entity_poly.pdbx_strand_id   A,B,C,D
#
loop_
_chem_comp.id
_chem_comp.type
_chem_comp.name
_chem_comp.formula
EDO non-polymer 1,2-ETHANEDIOL 'C2 H6 O2'
PEG non-polymer DI(HYDROXYETHYL)ETHER 'C4 H10 O3'
PGE non-polymer 'TRIETHYLENE GLYCOL' 'C6 H14 O4'
#
# COMPACT_ATOMS: atom_id res chain seq x y z
N SER A 7 44.82 -13.95 -21.62
CA SER A 7 44.20 -13.60 -20.33
C SER A 7 45.29 -13.16 -19.31
N GLU A 8 45.38 -11.84 -19.02
CA GLU A 8 46.36 -11.24 -18.11
C GLU A 8 45.74 -10.93 -16.76
N VAL A 9 46.45 -11.26 -15.66
CA VAL A 9 46.02 -10.96 -14.29
C VAL A 9 46.88 -9.78 -13.79
N ARG A 10 46.25 -8.78 -13.15
CA ARG A 10 46.96 -7.61 -12.63
C ARG A 10 46.73 -7.44 -11.14
N LYS A 11 47.79 -7.12 -10.39
CA LYS A 11 47.68 -6.88 -8.95
C LYS A 11 47.10 -5.50 -8.71
N VAL A 12 45.96 -5.43 -8.06
CA VAL A 12 45.36 -4.11 -7.82
C VAL A 12 45.07 -3.95 -6.31
N ASP A 13 45.21 -2.72 -5.81
CA ASP A 13 44.95 -2.33 -4.44
C ASP A 13 43.45 -2.38 -4.18
N ALA A 14 43.05 -2.42 -2.91
CA ALA A 14 41.64 -2.47 -2.51
C ALA A 14 40.87 -1.27 -3.04
N PHE A 15 39.74 -1.55 -3.69
CA PHE A 15 38.84 -0.57 -4.28
C PHE A 15 37.41 -0.92 -3.94
N SER A 16 36.53 0.09 -3.87
CA SER A 16 35.10 -0.06 -3.58
C SER A 16 34.29 0.75 -4.62
N SER A 17 34.97 1.44 -5.54
CA SER A 17 34.38 2.19 -6.67
C SER A 17 35.12 1.85 -7.97
N ILE A 18 34.42 1.96 -9.10
CA ILE A 18 34.97 1.70 -10.42
C ILE A 18 34.59 2.83 -11.38
N GLU A 19 35.59 3.37 -12.05
CA GLU A 19 35.43 4.39 -13.08
C GLU A 19 36.13 3.91 -14.35
N ILE A 20 35.40 3.80 -15.46
CA ILE A 20 36.01 3.38 -16.73
C ILE A 20 35.80 4.54 -17.72
N THR A 21 36.93 5.04 -18.26
CA THR A 21 36.97 6.15 -19.22
C THR A 21 37.32 5.65 -20.64
N SER A 22 37.88 4.41 -20.74
CA SER A 22 38.27 3.84 -22.04
C SER A 22 37.13 2.92 -22.59
N VAL A 23 37.47 1.86 -23.34
CA VAL A 23 36.51 0.98 -24.02
C VAL A 23 36.64 -0.43 -23.48
N GLY A 24 35.51 -1.05 -23.13
CA GLY A 24 35.52 -2.42 -22.63
C GLY A 24 34.29 -2.97 -21.95
N THR A 25 34.24 -4.31 -21.84
CA THR A 25 33.19 -5.06 -21.16
C THR A 25 33.70 -5.46 -19.78
N ILE A 26 32.98 -5.06 -18.75
CA ILE A 26 33.34 -5.40 -17.36
C ILE A 26 32.35 -6.42 -16.82
N HIS A 27 32.86 -7.54 -16.28
CA HIS A 27 32.09 -8.56 -15.58
C HIS A 27 32.46 -8.50 -14.13
N PHE A 28 31.53 -8.05 -13.26
CA PHE A 28 31.85 -7.92 -11.84
C PHE A 28 31.28 -9.09 -11.04
N THR A 29 32.10 -9.62 -10.10
CA THR A 29 31.72 -10.69 -9.16
C THR A 29 31.96 -10.22 -7.74
N GLN A 30 30.94 -10.28 -6.86
CA GLN A 30 31.15 -9.93 -5.45
C GLN A 30 31.87 -11.11 -4.81
N SER A 31 33.02 -10.84 -4.16
CA SER A 31 33.90 -11.84 -3.53
C SER A 31 34.72 -11.22 -2.42
N ASP A 32 35.16 -12.00 -1.43
CA ASP A 32 36.04 -11.46 -0.38
C ASP A 32 37.44 -11.12 -0.91
N THR A 33 37.76 -11.63 -2.12
CA THR A 33 39.05 -11.48 -2.75
C THR A 33 38.99 -10.48 -3.89
N TYR A 34 39.91 -9.52 -3.88
CA TYR A 34 40.06 -8.56 -4.95
C TYR A 34 40.77 -9.21 -6.11
N SER A 35 40.30 -9.02 -7.36
CA SER A 35 40.99 -9.62 -8.52
C SER A 35 40.67 -8.86 -9.79
N PHE A 36 41.68 -8.71 -10.63
CA PHE A 36 41.58 -8.02 -11.91
C PHE A 36 42.21 -8.86 -13.00
N ARG A 37 41.41 -9.22 -14.01
CA ARG A 37 41.82 -9.99 -15.18
C ARG A 37 41.36 -9.26 -16.44
N ILE A 38 42.24 -9.16 -17.44
CA ILE A 38 41.95 -8.48 -18.70
C ILE A 38 42.33 -9.40 -19.89
N GLU A 39 41.50 -9.39 -20.92
CA GLU A 39 41.69 -10.15 -22.15
C GLU A 39 41.32 -9.29 -23.39
N GLY A 40 41.98 -9.58 -24.51
CA GLY A 40 41.81 -8.91 -25.79
C GLY A 40 43.07 -8.88 -26.62
N ARG A 41 43.08 -8.10 -27.73
CA ARG A 41 44.28 -7.92 -28.56
C ARG A 41 45.36 -7.26 -27.72
N GLU A 42 46.59 -7.74 -27.82
CA GLU A 42 47.76 -7.29 -27.06
C GLU A 42 47.91 -5.74 -27.08
N LYS A 43 47.72 -5.08 -28.24
CA LYS A 43 47.78 -3.62 -28.44
C LYS A 43 46.72 -2.88 -27.58
N TYR A 44 45.56 -3.49 -27.34
CA TYR A 44 44.51 -2.87 -26.51
C TYR A 44 44.75 -3.17 -25.04
N VAL A 45 45.18 -4.40 -24.69
CA VAL A 45 45.47 -4.84 -23.31
C VAL A 45 46.62 -3.99 -22.74
N LYS A 46 47.70 -3.80 -23.52
CA LYS A 46 48.87 -3.02 -23.11
C LYS A 46 48.54 -1.51 -23.03
N ASN A 47 47.56 -1.02 -23.82
CA ASN A 47 47.19 0.39 -23.75
C ASN A 47 46.08 0.60 -22.69
N THR A 48 45.66 -0.45 -21.93
CA THR A 48 44.64 -0.27 -20.89
C THR A 48 45.34 -0.05 -19.56
N GLU A 49 45.16 1.13 -18.97
CA GLU A 49 45.77 1.51 -17.70
C GLU A 49 44.80 1.33 -16.55
N THR A 50 45.27 0.67 -15.48
CA THR A 50 44.48 0.44 -14.27
C THR A 50 45.22 1.00 -13.08
N THR A 51 44.54 1.83 -12.29
CA THR A 51 45.14 2.47 -11.13
C THR A 51 44.08 2.56 -10.05
N VAL A 52 44.50 2.51 -8.78
CA VAL A 52 43.59 2.64 -7.66
C VAL A 52 44.05 3.86 -6.88
N LYS A 53 43.19 4.86 -6.78
CA LYS A 53 43.49 6.09 -6.05
C LYS A 53 42.35 6.33 -5.08
N ASP A 54 42.66 6.37 -3.76
CA ASP A 54 41.70 6.61 -2.67
C ASP A 54 40.49 5.65 -2.80
N GLY A 55 40.80 4.36 -2.95
CA GLY A 55 39.83 3.29 -3.09
C GLY A 55 38.98 3.27 -4.33
N ARG A 56 39.38 4.00 -5.38
CA ARG A 56 38.66 4.06 -6.65
C ARG A 56 39.48 3.44 -7.76
N LEU A 57 38.95 2.36 -8.38
CA LEU A 57 39.61 1.70 -9.51
C LEU A 57 39.33 2.48 -10.77
N LEU A 58 40.41 3.01 -11.40
CA LEU A 58 40.30 3.79 -12.64
CA LEU A 58 40.35 3.80 -12.62
C LEU A 58 40.85 2.96 -13.79
N ILE A 59 40.02 2.78 -14.82
CA ILE A 59 40.32 2.04 -16.04
C ILE A 59 40.26 3.04 -17.19
N GLY A 60 41.39 3.24 -17.83
CA GLY A 60 41.49 4.17 -18.95
C GLY A 60 42.60 3.80 -19.91
N PHE A 61 42.92 4.72 -20.82
CA PHE A 61 44.00 4.50 -21.77
C PHE A 61 45.32 5.04 -21.22
N LYS A 62 46.43 4.36 -21.52
CA LYS A 62 47.78 4.81 -21.13
C LYS A 62 48.14 6.07 -21.93
N ASP A 63 47.80 6.09 -23.23
CA ASP A 63 48.02 7.24 -24.11
C ASP A 63 46.71 7.61 -24.83
N GLY A 75 38.59 -2.79 -27.88
CA GLY A 75 37.65 -3.39 -26.93
C GLY A 75 38.18 -4.58 -26.12
N VAL A 76 38.37 -4.37 -24.81
CA VAL A 76 38.87 -5.40 -23.90
C VAL A 76 37.72 -5.96 -23.02
N THR A 77 37.90 -7.18 -22.51
CA THR A 77 36.97 -7.82 -21.58
C THR A 77 37.72 -7.86 -20.25
N ILE A 78 37.12 -7.33 -19.18
CA ILE A 78 37.70 -7.21 -17.85
C ILE A 78 36.84 -7.95 -16.83
N TRP A 79 37.47 -8.85 -16.02
CA TRP A 79 36.82 -9.55 -14.92
C TRP A 79 37.34 -8.97 -13.63
N ILE A 80 36.43 -8.47 -12.80
CA ILE A 80 36.74 -7.83 -11.54
C ILE A 80 35.98 -8.50 -10.42
N SER A 81 36.62 -8.62 -9.25
CA SER A 81 35.96 -9.12 -8.04
C SER A 81 36.39 -8.23 -6.87
N ALA A 82 35.47 -7.95 -5.96
CA ALA A 82 35.65 -7.09 -4.78
C ALA A 82 34.55 -7.36 -3.75
N PRO A 83 34.80 -7.22 -2.42
CA PRO A 83 33.73 -7.49 -1.46
C PRO A 83 32.66 -6.38 -1.45
N ASP A 84 33.03 -5.14 -1.77
CA ASP A 84 32.06 -4.06 -1.75
C ASP A 84 32.09 -3.23 -3.07
N LEU A 85 30.95 -2.65 -3.44
CA LEU A 85 30.79 -1.80 -4.61
C LEU A 85 29.90 -0.61 -4.21
N LYS A 86 30.43 0.64 -4.36
CA LYS A 86 29.72 1.85 -3.97
C LYS A 86 29.31 2.68 -5.21
N GLU A 87 30.27 2.91 -6.14
CA GLU A 87 30.04 3.68 -7.36
C GLU A 87 30.57 2.99 -8.59
N VAL A 88 29.78 3.05 -9.67
CA VAL A 88 30.17 2.62 -11.00
C VAL A 88 29.91 3.81 -11.89
N GLU A 89 30.98 4.41 -12.37
CA GLU A 89 30.93 5.58 -13.23
C GLU A 89 31.39 5.11 -14.63
N PHE A 90 30.42 4.86 -15.51
CA PHE A 90 30.73 4.41 -16.87
C PHE A 90 30.84 5.67 -17.79
N THR A 91 32.00 6.34 -17.73
CA THR A 91 32.35 7.55 -18.48
C THR A 91 32.74 7.17 -19.93
N GLY A 92 33.31 5.98 -20.11
CA GLY A 92 33.76 5.49 -21.42
C GLY A 92 32.66 4.79 -22.19
N VAL A 93 33.05 3.76 -22.95
CA VAL A 93 32.21 2.96 -23.84
C VAL A 93 32.32 1.45 -23.47
N GLY A 94 31.16 0.77 -23.42
CA GLY A 94 31.11 -0.68 -23.16
C GLY A 94 29.95 -1.11 -22.29
N GLU A 95 30.15 -2.21 -21.57
CA GLU A 95 29.14 -2.77 -20.67
C GLU A 95 29.67 -3.05 -19.26
N PHE A 96 28.80 -2.93 -18.26
CA PHE A 96 29.08 -3.33 -16.89
C PHE A 96 28.08 -4.45 -16.55
N ASN A 97 28.57 -5.69 -16.33
CA ASN A 97 27.69 -6.84 -16.07
C ASN A 97 27.96 -7.49 -14.73
N CYS A 98 26.89 -7.79 -13.97
CA CYS A 98 26.93 -8.56 -12.74
C CYS A 98 25.74 -9.52 -12.74
N GLU A 99 25.98 -10.78 -13.15
CA GLU A 99 24.97 -11.83 -13.29
C GLU A 99 24.81 -12.63 -12.00
N LYS A 100 25.82 -12.63 -11.12
CA LYS A 100 25.81 -13.38 -9.86
C LYS A 100 25.16 -12.55 -8.72
N PRO A 101 24.70 -13.17 -7.60
CA PRO A 101 24.05 -12.36 -6.53
C PRO A 101 24.98 -11.26 -6.00
N LEU A 102 24.40 -10.09 -5.72
CA LEU A 102 25.12 -8.93 -5.21
C LEU A 102 24.37 -8.36 -4.01
N LYS A 103 25.02 -8.25 -2.86
CA LYS A 103 24.44 -7.72 -1.63
C LYS A 103 25.24 -6.53 -1.20
N LEU A 104 24.67 -5.33 -1.27
CA LEU A 104 25.41 -4.09 -0.97
C LEU A 104 24.66 -3.17 -0.02
N ASP A 105 25.28 -2.05 0.39
CA ASP A 105 24.64 -1.06 1.24
C ASP A 105 23.99 -0.01 0.31
N GLU A 106 24.77 0.95 -0.14
CA GLU A 106 24.33 1.97 -1.12
C GLU A 106 25.18 1.82 -2.39
N VAL A 107 24.53 1.72 -3.56
CA VAL A 107 25.29 1.58 -4.81
C VAL A 107 24.68 2.54 -5.84
N SER A 108 25.55 3.22 -6.61
CA SER A 108 25.16 4.11 -7.68
C SER A 108 25.84 3.70 -8.99
N PHE A 109 25.05 3.77 -10.06
CA PHE A 109 25.45 3.49 -11.44
C PHE A 109 25.18 4.70 -12.26
N GLU A 110 26.21 5.19 -12.91
CA GLU A 110 26.16 6.37 -13.75
C GLU A 110 26.69 6.00 -15.14
N VAL A 111 25.89 6.22 -16.16
CA VAL A 111 26.29 6.04 -17.56
C VAL A 111 26.40 7.45 -18.17
N LYS A 112 27.61 8.00 -18.23
CA LYS A 112 27.87 9.32 -18.82
C LYS A 112 28.27 9.16 -20.28
N GLY A 113 28.98 8.07 -20.60
CA GLY A 113 29.46 7.80 -21.96
C GLY A 113 28.42 7.07 -22.77
N VAL A 114 28.82 5.94 -23.36
CA VAL A 114 27.99 5.05 -24.16
C VAL A 114 28.09 3.68 -23.49
N GLY A 115 27.16 3.41 -22.59
CA GLY A 115 27.24 2.21 -21.78
C GLY A 115 25.95 1.49 -21.51
N GLU A 116 26.13 0.29 -21.03
CA GLU A 116 25.06 -0.62 -20.73
C GLU A 116 25.35 -1.25 -19.37
N VAL A 117 24.42 -1.11 -18.41
CA VAL A 117 24.54 -1.69 -17.06
C VAL A 117 23.53 -2.84 -16.93
N ASN A 118 24.03 -4.06 -16.67
CA ASN A 118 23.17 -5.23 -16.50
C ASN A 118 23.44 -5.86 -15.16
N VAL A 119 22.47 -5.78 -14.23
CA VAL A 119 22.60 -6.37 -12.87
C VAL A 119 21.42 -7.30 -12.67
N ALA A 120 21.68 -8.61 -12.62
CA ALA A 120 20.66 -9.66 -12.56
C ALA A 120 20.03 -9.87 -11.19
N ASP A 121 20.78 -9.66 -10.08
CA ASP A 121 20.31 -10.03 -8.75
C ASP A 121 20.99 -9.17 -7.64
N LEU A 122 20.48 -7.96 -7.43
CA LEU A 122 20.98 -7.01 -6.44
C LEU A 122 20.05 -6.90 -5.22
N THR A 123 20.65 -6.86 -4.03
CA THR A 123 20.00 -6.63 -2.74
C THR A 123 20.76 -5.48 -2.10
N CYS A 124 20.09 -4.37 -1.76
CA CYS A 124 20.79 -3.25 -1.14
C CYS A 124 19.83 -2.39 -0.35
N ASN A 125 20.36 -1.37 0.33
CA ASN A 125 19.54 -0.41 1.03
C ASN A 125 19.11 0.67 0.04
N VAL A 126 20.09 1.23 -0.69
CA VAL A 126 19.87 2.32 -1.62
C VAL A 126 20.47 1.99 -3.00
N LEU A 127 19.65 2.13 -4.05
CA LEU A 127 20.08 2.02 -5.44
C LEU A 127 19.89 3.36 -6.13
N LYS A 128 20.96 3.89 -6.76
CA LYS A 128 20.89 5.15 -7.55
C LYS A 128 21.32 4.85 -8.95
N VAL A 129 20.50 5.22 -9.94
CA VAL A 129 20.79 5.00 -11.38
C VAL A 129 20.69 6.33 -12.12
N ALA A 130 21.70 6.70 -12.94
CA ALA A 130 21.62 7.92 -13.79
C ALA A 130 22.12 7.61 -15.18
N LEU A 131 21.21 7.53 -16.15
CA LEU A 131 21.57 7.31 -17.57
C LEU A 131 21.70 8.69 -18.25
N ARG A 132 22.85 9.35 -18.05
CA ARG A 132 23.09 10.69 -18.60
C ARG A 132 23.49 10.66 -20.06
N GLY A 133 24.19 9.62 -20.45
CA GLY A 133 24.70 9.46 -21.81
C GLY A 133 23.76 8.66 -22.67
N VAL A 134 24.33 7.76 -23.44
CA VAL A 134 23.62 6.89 -24.38
C VAL A 134 23.73 5.45 -23.89
N GLY A 135 22.62 4.73 -23.86
CA GLY A 135 22.66 3.33 -23.48
C GLY A 135 21.48 2.80 -22.72
N SER A 136 21.76 1.86 -21.80
CA SER A 136 20.68 1.23 -21.05
C SER A 136 21.17 0.73 -19.69
N ALA A 137 20.21 0.55 -18.78
CA ALA A 137 20.40 -0.04 -17.47
C ALA A 137 19.27 -0.99 -17.23
N ASP A 138 19.59 -2.25 -17.01
CA ASP A 138 18.63 -3.32 -16.79
C ASP A 138 19.02 -3.97 -15.46
N ILE A 139 18.28 -3.62 -14.41
CA ILE A 139 18.60 -4.05 -13.05
C ILE A 139 17.38 -4.71 -12.38
N HIS A 140 17.63 -5.84 -11.71
CA HIS A 140 16.71 -6.56 -10.87
C HIS A 140 17.22 -6.34 -9.44
N VAL A 141 16.41 -5.69 -8.62
CA VAL A 141 16.81 -5.24 -7.31
C VAL A 141 15.68 -5.38 -6.28
N VAL A 142 16.11 -5.60 -5.05
CA VAL A 142 15.34 -5.61 -3.82
C VAL A 142 16.02 -4.56 -2.93
N CYS A 143 15.35 -3.41 -2.66
CA CYS A 143 15.98 -2.33 -1.90
C CYS A 143 14.94 -1.56 -1.06
N ASP A 144 15.44 -0.66 -0.18
CA ASP A 144 14.59 0.25 0.61
C ASP A 144 14.26 1.51 -0.20
N TYR A 145 15.28 2.12 -0.80
CA TYR A 145 15.12 3.32 -1.58
C TYR A 145 15.78 3.14 -2.95
N LEU A 146 15.09 3.56 -3.99
CA LEU A 146 15.58 3.47 -5.38
C LEU A 146 15.37 4.84 -6.08
N SER A 147 16.43 5.36 -6.64
CA SER A 147 16.45 6.63 -7.37
C SER A 147 16.92 6.37 -8.80
N ALA A 148 16.12 6.70 -9.84
CA ALA A 148 16.53 6.49 -11.24
C ALA A 148 16.17 7.68 -12.11
N GLN A 149 17.11 8.09 -12.97
CA GLN A 149 16.93 9.21 -13.91
C GLN A 149 17.56 8.83 -15.23
N MSE A 150 16.86 9.13 -16.32
CA MSE A 150 17.25 8.83 -17.70
C MSE A 150 17.15 10.12 -18.48
O MSE A 150 16.17 10.37 -19.19
CB MSE A 150 16.34 7.71 -18.24
CG MSE A 150 16.98 6.81 -19.28
SE MSE A 150 17.56 7.72 -20.87
CE MSE A 150 15.77 8.24 -21.58
N GLY A 151 18.18 10.94 -18.33
CA GLY A 151 18.24 12.25 -18.98
C GLY A 151 18.80 12.21 -20.37
N GLY A 152 19.41 11.08 -20.71
CA GLY A 152 20.06 10.90 -22.00
C GLY A 152 19.16 10.25 -23.01
N VAL A 153 19.73 9.31 -23.73
CA VAL A 153 19.11 8.59 -24.82
C VAL A 153 19.30 7.14 -24.52
N GLY A 154 18.20 6.50 -24.16
CA GLY A 154 18.24 5.08 -23.87
C GLY A 154 17.09 4.62 -23.01
N SER A 155 17.31 3.57 -22.24
CA SER A 155 16.24 3.06 -21.40
C SER A 155 16.75 2.49 -20.12
N VAL A 156 15.95 2.65 -19.08
CA VAL A 156 16.21 2.08 -17.78
C VAL A 156 15.08 1.07 -17.52
N THR A 157 15.42 -0.20 -17.24
CA THR A 157 14.44 -1.25 -16.94
C THR A 157 14.70 -1.71 -15.51
N LEU A 158 13.69 -1.58 -14.65
CA LEU A 158 13.81 -1.95 -13.24
C LEU A 158 12.76 -2.96 -12.86
N SER A 159 13.18 -4.01 -12.16
CA SER A 159 12.32 -5.06 -11.68
C SER A 159 12.74 -5.47 -10.27
N GLY A 160 11.79 -6.13 -9.57
CA GLY A 160 12.00 -6.56 -8.20
C GLY A 160 11.08 -5.79 -7.28
N SER A 161 11.66 -5.14 -6.25
CA SER A 161 10.87 -4.41 -5.27
C SER A 161 11.69 -3.29 -4.64
N ALA A 162 11.04 -2.16 -4.38
CA ALA A 162 11.63 -0.97 -3.76
C ALA A 162 10.65 -0.37 -2.74
N GLY A 163 11.12 -0.13 -1.52
CA GLY A 163 10.27 0.47 -0.48
C GLY A 163 9.74 1.84 -0.93
N ARG A 164 10.62 2.61 -1.58
CA ARG A 164 10.37 3.93 -2.15
C ARG A 164 11.13 4.10 -3.48
N ALA A 165 10.49 4.71 -4.50
CA ALA A 165 11.21 4.91 -5.75
C ALA A 165 10.94 6.31 -6.32
N ASP A 166 12.05 7.02 -6.62
CA ASP A 166 12.03 8.35 -7.20
C ASP A 166 12.54 8.19 -8.62
N ILE A 167 11.64 8.28 -9.59
CA ILE A 167 11.94 8.02 -10.99
C ILE A 167 11.61 9.24 -11.88
N SER A 168 12.52 9.60 -12.77
CA SER A 168 12.33 10.68 -13.74
C SER A 168 12.85 10.28 -15.07
N LYS A 169 12.26 10.80 -16.16
CA LYS A 169 12.73 10.50 -17.52
C LYS A 169 12.68 11.77 -18.38
N GLY A 170 13.74 12.56 -18.31
CA GLY A 170 13.85 13.84 -19.04
C GLY A 170 14.31 13.71 -20.48
N GLY A 171 14.91 12.58 -20.78
CA GLY A 171 15.48 12.32 -22.09
C GLY A 171 14.58 11.60 -23.06
N ILE A 172 15.22 10.94 -24.03
CA ILE A 172 14.64 10.21 -25.15
C ILE A 172 14.81 8.72 -24.90
N GLY A 173 13.69 8.03 -24.76
CA GLY A 173 13.63 6.59 -24.49
C GLY A 173 12.55 6.28 -23.48
N GLY A 174 12.83 5.39 -22.53
CA GLY A 174 11.84 5.06 -21.51
C GLY A 174 12.40 4.50 -20.24
N VAL A 175 11.60 4.58 -19.20
CA VAL A 175 11.88 3.97 -17.90
C VAL A 175 10.78 2.92 -17.72
N ASN A 176 11.16 1.64 -17.71
CA ASN A 176 10.20 0.54 -17.54
C ASN A 176 10.28 0.01 -16.11
N THR A 177 9.17 0.11 -15.37
CA THR A 177 9.03 -0.36 -13.98
C THR A 177 7.82 -1.30 -13.84
N ASP A 178 7.41 -1.94 -14.96
CA ASP A 178 6.24 -2.83 -15.01
C ASP A 178 6.34 -3.97 -14.00
N ASN A 179 7.56 -4.49 -13.77
CA ASN A 179 7.78 -5.61 -12.85
C ASN A 179 8.52 -5.15 -11.56
N LEU A 180 8.44 -3.86 -11.22
CA LEU A 180 8.97 -3.28 -9.98
C LEU A 180 7.83 -3.05 -8.97
N LYS A 181 7.88 -3.76 -7.84
CA LYS A 181 6.92 -3.67 -6.74
C LYS A 181 7.26 -2.49 -5.83
N ILE A 182 6.28 -1.65 -5.52
CA ILE A 182 6.49 -0.54 -4.59
C ILE A 182 5.96 -0.98 -3.23
N GLY A 183 6.73 -0.73 -2.17
CA GLY A 183 6.31 -1.09 -0.80
C GLY A 183 7.19 -2.18 -0.20
N SER B 7 -31.62 21.70 -0.31
CA SER B 7 -30.36 22.22 -0.87
C SER B 7 -30.20 23.69 -0.51
N GLU B 8 -29.12 24.04 0.24
CA GLU B 8 -28.82 25.36 0.78
C GLU B 8 -27.54 25.98 0.16
N VAL B 9 -27.62 27.29 -0.17
CA VAL B 9 -26.50 28.05 -0.72
C VAL B 9 -25.94 28.94 0.40
N ARG B 10 -24.61 28.97 0.57
CA ARG B 10 -23.96 29.81 1.58
C ARG B 10 -22.97 30.78 0.94
N LYS B 11 -23.02 32.06 1.33
CA LYS B 11 -22.06 33.05 0.82
C LYS B 11 -20.74 32.87 1.54
N VAL B 12 -19.66 32.56 0.82
CA VAL B 12 -18.40 32.32 1.51
C VAL B 12 -17.30 33.21 0.90
N ASP B 13 -16.30 33.56 1.73
CA ASP B 13 -15.14 34.36 1.34
C ASP B 13 -14.25 33.55 0.43
N ALA B 14 -13.36 34.22 -0.33
CA ALA B 14 -12.42 33.58 -1.26
C ALA B 14 -11.51 32.61 -0.53
N PHE B 15 -11.40 31.39 -1.07
CA PHE B 15 -10.57 30.31 -0.53
C PHE B 15 -9.81 29.61 -1.66
N SER B 16 -8.66 29.01 -1.35
CA SER B 16 -7.79 28.28 -2.29
C SER B 16 -7.37 26.93 -1.68
N SER B 17 -7.81 26.66 -0.45
CA SER B 17 -7.58 25.40 0.29
C SER B 17 -8.88 24.92 0.91
N ILE B 18 -9.01 23.59 1.11
CA ILE B 18 -10.19 23.00 1.71
C ILE B 18 -9.77 21.98 2.77
N GLU B 19 -10.30 22.15 3.99
CA GLU B 19 -10.08 21.23 5.09
C GLU B 19 -11.45 20.78 5.60
N ILE B 20 -11.74 19.45 5.57
CA ILE B 20 -13.02 18.95 6.08
C ILE B 20 -12.69 17.99 7.24
N THR B 21 -13.26 18.30 8.43
CA THR B 21 -13.07 17.55 9.67
C THR B 21 -14.35 16.75 10.03
N SER B 22 -15.49 17.08 9.43
CA SER B 22 -16.78 16.42 9.72
C SER B 22 -17.06 15.32 8.65
N VAL B 23 -18.34 15.05 8.33
CA VAL B 23 -18.75 13.99 7.40
C VAL B 23 -19.40 14.60 6.13
N GLY B 24 -18.98 14.15 4.94
CA GLY B 24 -19.59 14.63 3.71
C GLY B 24 -18.93 14.29 2.39
N THR B 25 -19.71 14.40 1.31
CA THR B 25 -19.27 14.23 -0.07
C THR B 25 -19.05 15.62 -0.67
N ILE B 26 -17.85 15.89 -1.19
CA ILE B 26 -17.53 17.18 -1.81
C ILE B 26 -17.35 16.97 -3.28
N HIS B 27 -18.08 17.77 -4.10
CA HIS B 27 -17.95 17.83 -5.55
C HIS B 27 -17.35 19.15 -5.89
N PHE B 28 -16.10 19.16 -6.39
CA PHE B 28 -15.43 20.41 -6.71
C PHE B 28 -15.45 20.68 -8.22
N THR B 29 -15.73 21.95 -8.58
CA THR B 29 -15.71 22.45 -9.95
C THR B 29 -14.76 23.63 -10.02
N GLN B 30 -13.76 23.61 -10.94
CA GLN B 30 -12.92 24.78 -11.14
C GLN B 30 -13.74 25.80 -11.92
N SER B 31 -13.88 27.02 -11.38
CA SER B 31 -14.67 28.12 -11.97
C SER B 31 -14.12 29.48 -11.54
N ASP B 32 -14.34 30.54 -12.32
CA ASP B 32 -13.90 31.87 -11.90
C ASP B 32 -14.74 32.40 -10.73
N THR B 33 -15.90 31.75 -10.48
CA THR B 33 -16.86 32.15 -9.44
C THR B 33 -16.83 31.20 -8.28
N TYR B 34 -16.70 31.77 -7.09
CA TYR B 34 -16.73 31.03 -5.84
C TYR B 34 -18.18 30.67 -5.50
N SER B 35 -18.46 29.43 -5.07
CA SER B 35 -19.82 29.03 -4.68
C SER B 35 -19.80 27.84 -3.73
N PHE B 36 -20.69 27.87 -2.74
CA PHE B 36 -20.85 26.82 -1.74
C PHE B 36 -22.32 26.44 -1.60
N ARG B 37 -22.61 25.19 -1.89
CA ARG B 37 -23.97 24.63 -1.81
C ARG B 37 -23.89 23.33 -0.99
N ILE B 38 -24.82 23.12 -0.04
CA ILE B 38 -24.88 21.93 0.81
C ILE B 38 -26.31 21.33 0.79
N GLU B 39 -26.40 19.99 0.73
CA GLU B 39 -27.66 19.26 0.71
C GLU B 39 -27.62 18.10 1.68
N GLY B 40 -28.79 17.79 2.26
CA GLY B 40 -28.98 16.70 3.21
C GLY B 40 -30.12 16.99 4.17
N ARG B 41 -30.25 16.15 5.21
CA ARG B 41 -31.25 16.35 6.28
C ARG B 41 -30.94 17.65 6.99
N GLU B 42 -31.96 18.44 7.26
CA GLU B 42 -31.91 19.78 7.87
C GLU B 42 -31.02 19.80 9.13
N LYS B 43 -31.15 18.79 10.02
CA LYS B 43 -30.35 18.68 11.24
C LYS B 43 -28.85 18.57 10.91
N TYR B 44 -28.46 17.81 9.86
CA TYR B 44 -27.05 17.64 9.49
C TYR B 44 -26.52 18.89 8.79
N VAL B 45 -27.34 19.53 7.92
CA VAL B 45 -26.97 20.73 7.19
C VAL B 45 -26.75 21.88 8.19
N LYS B 46 -27.64 22.04 9.18
CA LYS B 46 -27.54 23.10 10.19
C LYS B 46 -26.37 22.83 11.16
N ASN B 47 -25.99 21.56 11.37
CA ASN B 47 -24.86 21.24 12.25
C ASN B 47 -23.51 21.26 11.46
N THR B 48 -23.53 21.60 10.16
CA THR B 48 -22.28 21.68 9.38
C THR B 48 -21.81 23.14 9.39
N GLU B 49 -20.63 23.39 9.97
CA GLU B 49 -20.08 24.73 10.09
C GLU B 49 -19.04 24.96 8.99
N THR B 50 -19.15 26.10 8.29
CA THR B 50 -18.24 26.50 7.22
C THR B 50 -17.65 27.85 7.57
N THR B 51 -16.32 27.97 7.50
CA THR B 51 -15.61 29.20 7.81
C THR B 51 -14.44 29.31 6.85
N VAL B 52 -14.03 30.55 6.51
CA VAL B 52 -12.86 30.77 5.68
C VAL B 52 -11.88 31.58 6.52
N LYS B 53 -10.72 30.99 6.81
CA LYS B 53 -9.67 31.62 7.60
C LYS B 53 -8.37 31.54 6.82
N ASP B 54 -7.80 32.72 6.52
CA ASP B 54 -6.53 32.91 5.80
C ASP B 54 -6.59 32.12 4.43
N GLY B 55 -7.71 32.28 3.73
CA GLY B 55 -7.96 31.63 2.44
C GLY B 55 -8.21 30.13 2.48
N ARG B 56 -8.45 29.55 3.68
CA ARG B 56 -8.69 28.11 3.80
C ARG B 56 -10.14 27.87 4.23
N LEU B 57 -10.87 27.07 3.42
CA LEU B 57 -12.26 26.73 3.72
C LEU B 57 -12.26 25.59 4.70
N LEU B 58 -12.87 25.83 5.86
CA LEU B 58 -12.96 24.86 6.93
C LEU B 58 -14.38 24.34 7.06
N ILE B 59 -14.57 23.03 6.89
CA ILE B 59 -15.87 22.36 7.02
C ILE B 59 -15.80 21.42 8.23
N GLY B 60 -16.62 21.66 9.23
CA GLY B 60 -16.67 20.84 10.43
C GLY B 60 -18.04 20.89 11.10
N PHE B 61 -18.12 20.35 12.33
CA PHE B 61 -19.38 20.36 13.09
C PHE B 61 -19.49 21.62 13.96
N LYS B 62 -20.71 22.16 14.09
CA LYS B 62 -20.96 23.30 14.98
C LYS B 62 -20.82 22.86 16.45
N ASP B 63 -21.34 21.66 16.77
CA ASP B 63 -21.28 21.04 18.11
C ASP B 63 -20.94 19.56 17.95
N LYS B 64 -21.99 18.69 17.82
CA LYS B 64 -22.02 17.21 17.69
C LYS B 64 -22.29 16.59 19.08
N GLY B 75 -24.39 12.79 7.10
CA GLY B 75 -23.73 12.85 5.79
C GLY B 75 -24.32 13.84 4.79
N VAL B 76 -23.59 14.93 4.53
CA VAL B 76 -24.04 15.99 3.64
C VAL B 76 -23.30 15.93 2.29
N THR B 77 -23.91 16.55 1.23
CA THR B 77 -23.34 16.66 -0.11
C THR B 77 -23.03 18.13 -0.33
N ILE B 78 -21.78 18.43 -0.61
CA ILE B 78 -21.33 19.80 -0.75
C ILE B 78 -20.80 20.03 -2.16
N TRP B 79 -21.31 21.07 -2.85
CA TRP B 79 -20.84 21.50 -4.15
C TRP B 79 -20.05 22.78 -3.98
N ILE B 80 -18.80 22.76 -4.41
CA ILE B 80 -17.89 23.88 -4.26
C ILE B 80 -17.32 24.23 -5.63
N SER B 81 -17.12 25.54 -5.85
CA SER B 81 -16.46 26.04 -7.05
C SER B 81 -15.51 27.15 -6.62
N ALA B 82 -14.34 27.21 -7.25
CA ALA B 82 -13.26 28.15 -6.97
C ALA B 82 -12.29 28.19 -8.12
N PRO B 83 -11.63 29.33 -8.41
CA PRO B 83 -10.68 29.34 -9.54
C PRO B 83 -9.39 28.58 -9.21
N ASP B 84 -8.96 28.54 -7.94
CA ASP B 84 -7.72 27.82 -7.60
C ASP B 84 -7.90 26.85 -6.46
N LEU B 85 -7.03 25.82 -6.41
CA LEU B 85 -7.01 24.81 -5.38
C LEU B 85 -5.54 24.44 -5.09
N LYS B 86 -5.12 24.59 -3.81
CA LYS B 86 -3.73 24.33 -3.38
C LYS B 86 -3.65 23.10 -2.46
N GLU B 87 -4.52 23.04 -1.43
CA GLU B 87 -4.56 21.91 -0.48
C GLU B 87 -5.96 21.39 -0.24
N VAL B 88 -6.06 20.07 -0.20
CA VAL B 88 -7.28 19.37 0.19
C VAL B 88 -6.86 18.45 1.34
N GLU B 89 -7.33 18.78 2.54
CA GLU B 89 -7.00 18.04 3.74
C GLU B 89 -8.26 17.32 4.18
N PHE B 90 -8.34 16.02 3.86
CA PHE B 90 -9.54 15.25 4.21
C PHE B 90 -9.29 14.56 5.58
N THR B 91 -9.46 15.34 6.67
CA THR B 91 -9.30 14.94 8.08
C THR B 91 -10.53 14.15 8.55
N GLY B 92 -11.70 14.47 8.00
CA GLY B 92 -12.94 13.81 8.37
C GLY B 92 -13.22 12.54 7.58
N VAL B 93 -14.52 12.30 7.30
CA VAL B 93 -15.07 11.13 6.61
C VAL B 93 -15.88 11.59 5.38
N GLY B 94 -15.65 10.93 4.23
CA GLY B 94 -16.38 11.19 3.00
C GLY B 94 -15.54 11.05 1.75
N GLU B 95 -15.94 11.80 0.72
CA GLU B 95 -15.28 11.82 -0.59
C GLU B 95 -15.00 13.23 -1.09
N PHE B 96 -13.90 13.39 -1.83
CA PHE B 96 -13.59 14.62 -2.56
C PHE B 96 -13.56 14.26 -4.06
N ASN B 97 -14.54 14.74 -4.84
CA ASN B 97 -14.64 14.43 -6.28
C ASN B 97 -14.45 15.64 -7.16
N CYS B 98 -13.76 15.46 -8.31
CA CYS B 98 -13.57 16.48 -9.36
C CYS B 98 -13.51 15.75 -10.70
N GLU B 99 -14.67 15.64 -11.35
CA GLU B 99 -14.86 14.92 -12.60
C GLU B 99 -14.59 15.81 -13.83
N LYS B 100 -14.70 17.15 -13.68
CA LYS B 100 -14.49 18.13 -14.75
C LYS B 100 -12.98 18.50 -14.89
N PRO B 101 -12.51 19.06 -16.05
CA PRO B 101 -11.08 19.41 -16.17
C PRO B 101 -10.60 20.35 -15.05
N LEU B 102 -9.40 20.08 -14.52
CA LEU B 102 -8.80 20.85 -13.44
C LEU B 102 -7.39 21.24 -13.87
N LYS B 103 -7.07 22.54 -13.88
CA LYS B 103 -5.76 23.04 -14.32
C LYS B 103 -5.18 23.87 -13.19
N LEU B 104 -4.14 23.36 -12.50
CA LEU B 104 -3.59 24.02 -11.32
C LEU B 104 -2.07 24.18 -11.37
N ASP B 105 -1.49 24.86 -10.38
CA ASP B 105 -0.02 25.00 -10.30
C ASP B 105 0.50 23.82 -9.41
N GLU B 106 0.42 23.95 -8.09
CA GLU B 106 0.80 22.89 -7.15
C GLU B 106 -0.42 22.50 -6.33
N VAL B 107 -0.76 21.20 -6.27
CA VAL B 107 -1.92 20.78 -5.50
C VAL B 107 -1.51 19.55 -4.64
N SER B 108 -1.99 19.53 -3.38
CA SER B 108 -1.79 18.40 -2.48
C SER B 108 -3.12 17.90 -1.94
N PHE B 109 -3.23 16.57 -1.88
CA PHE B 109 -4.38 15.84 -1.35
C PHE B 109 -3.91 14.96 -0.23
N GLU B 110 -4.50 15.15 0.93
CA GLU B 110 -4.15 14.44 2.13
C GLU B 110 -5.39 13.76 2.67
N VAL B 111 -5.34 12.44 2.85
CA VAL B 111 -6.45 11.69 3.48
C VAL B 111 -5.95 11.24 4.82
N LYS B 112 -6.31 11.96 5.88
CA LYS B 112 -5.91 11.63 7.24
C LYS B 112 -6.98 10.83 7.92
N GLY B 113 -8.26 11.12 7.59
CA GLY B 113 -9.40 10.43 8.16
C GLY B 113 -9.74 9.16 7.40
N VAL B 114 -11.00 9.04 6.99
CA VAL B 114 -11.56 7.96 6.19
C VAL B 114 -12.11 8.63 4.93
N GLY B 115 -11.29 8.68 3.89
CA GLY B 115 -11.66 9.42 2.71
C GLY B 115 -11.30 8.80 1.38
N GLU B 116 -11.90 9.36 0.39
CA GLU B 116 -11.74 8.93 -0.99
C GLU B 116 -11.55 10.18 -1.84
N VAL B 117 -10.44 10.27 -2.60
CA VAL B 117 -10.14 11.38 -3.51
C VAL B 117 -10.25 10.87 -4.96
N ASN B 118 -11.15 11.47 -5.76
CA ASN B 118 -11.36 11.07 -7.14
C ASN B 118 -11.20 12.29 -8.03
N VAL B 119 -10.16 12.32 -8.85
CA VAL B 119 -9.87 13.42 -9.77
C VAL B 119 -9.69 12.81 -11.17
N ALA B 120 -10.62 13.09 -12.08
CA ALA B 120 -10.70 12.50 -13.42
C ALA B 120 -9.77 13.14 -14.46
N ASP B 121 -9.44 14.44 -14.34
CA ASP B 121 -8.70 15.14 -15.40
C ASP B 121 -7.95 16.37 -14.85
N LEU B 122 -6.78 16.12 -14.26
CA LEU B 122 -5.93 17.14 -13.64
C LEU B 122 -4.69 17.43 -14.51
N THR B 123 -4.37 18.73 -14.65
CA THR B 123 -3.16 19.24 -15.29
C THR B 123 -2.50 20.16 -14.29
N CYS B 124 -1.26 19.89 -13.88
CA CYS B 124 -0.59 20.75 -12.90
C CYS B 124 0.92 20.67 -13.05
N ASN B 125 1.64 21.48 -12.29
CA ASN B 125 3.10 21.40 -12.25
C ASN B 125 3.50 20.34 -11.23
N VAL B 126 2.94 20.42 -10.02
CA VAL B 126 3.24 19.53 -8.92
C VAL B 126 1.96 18.92 -8.33
N LEU B 127 1.93 17.59 -8.21
CA LEU B 127 0.87 16.83 -7.54
C LEU B 127 1.48 16.10 -6.32
N LYS B 128 0.90 16.30 -5.14
CA LYS B 128 1.31 15.61 -3.90
C LYS B 128 0.11 14.85 -3.37
N VAL B 129 0.28 13.55 -3.11
CA VAL B 129 -0.79 12.69 -2.57
C VAL B 129 -0.28 11.98 -1.31
N ALA B 130 -1.05 12.04 -0.19
CA ALA B 130 -0.67 11.28 1.00
C ALA B 130 -1.91 10.60 1.58
N LEU B 131 -2.00 9.27 1.45
CA LEU B 131 -3.08 8.48 2.03
C LEU B 131 -2.63 7.98 3.43
N ARG B 132 -2.74 8.84 4.44
CA ARG B 132 -2.30 8.52 5.81
C ARG B 132 -3.35 7.71 6.57
N GLY B 133 -4.62 7.95 6.27
CA GLY B 133 -5.71 7.26 6.95
C GLY B 133 -6.19 6.03 6.21
N VAL B 134 -7.50 5.86 6.18
CA VAL B 134 -8.19 4.76 5.49
C VAL B 134 -8.86 5.29 4.24
N GLY B 135 -8.72 4.61 3.11
CA GLY B 135 -9.40 5.04 1.91
C GLY B 135 -8.67 4.86 0.58
N SER B 136 -8.94 5.76 -0.35
CA SER B 136 -8.38 5.65 -1.66
C SER B 136 -8.24 7.01 -2.35
N ALA B 137 -7.34 7.05 -3.33
CA ALA B 137 -7.10 8.19 -4.20
C ALA B 137 -6.95 7.67 -5.60
N ASP B 138 -7.80 8.13 -6.50
CA ASP B 138 -7.84 7.73 -7.90
C ASP B 138 -7.74 9.00 -8.70
N ILE B 139 -6.53 9.26 -9.23
CA ILE B 139 -6.24 10.51 -9.94
C ILE B 139 -5.64 10.23 -11.32
N HIS B 140 -6.15 10.95 -12.33
CA HIS B 140 -5.67 10.99 -13.68
C HIS B 140 -5.04 12.36 -13.83
N VAL B 141 -3.71 12.40 -14.04
CA VAL B 141 -2.95 13.64 -14.02
C VAL B 141 -1.89 13.68 -15.10
N VAL B 142 -1.61 14.90 -15.56
CA VAL B 142 -0.51 15.29 -16.43
C VAL B 142 0.26 16.33 -15.62
N CYS B 143 1.52 16.01 -15.18
CA CYS B 143 2.27 16.95 -14.33
C CYS B 143 3.79 16.84 -14.58
N ASP B 144 4.56 17.77 -13.97
CA ASP B 144 6.03 17.75 -14.03
C ASP B 144 6.58 16.87 -12.92
N TYR B 145 6.05 17.06 -11.69
CA TYR B 145 6.50 16.33 -10.53
C TYR B 145 5.29 15.75 -9.80
N LEU B 146 5.39 14.49 -9.43
CA LEU B 146 4.33 13.78 -8.71
C LEU B 146 4.94 13.06 -7.49
N SER B 147 4.38 13.33 -6.32
CA SER B 147 4.80 12.72 -5.05
C SER B 147 3.63 11.98 -4.45
N ALA B 148 3.74 10.66 -4.22
CA ALA B 148 2.62 9.89 -3.62
C ALA B 148 3.11 8.95 -2.52
N GLN B 149 2.36 8.87 -1.42
CA GLN B 149 2.67 7.99 -0.29
C GLN B 149 1.35 7.44 0.27
N MSE B 150 1.31 6.11 0.52
CA MSE B 150 0.15 5.35 1.06
C MSE B 150 0.61 4.68 2.33
O MSE B 150 1.01 3.51 2.33
CB MSE B 150 -0.31 4.32 -0.02
CG MSE B 150 -1.75 3.97 0.00
SE MSE B 150 -2.38 3.30 1.65
CE MSE B 150 -1.38 1.53 1.68
N GLY B 151 0.64 5.45 3.42
CA GLY B 151 1.10 4.91 4.71
C GLY B 151 0.00 4.25 5.52
N GLY B 152 -1.24 4.46 5.11
CA GLY B 152 -2.40 3.94 5.81
C GLY B 152 -2.89 2.62 5.28
N VAL B 153 -4.18 2.52 5.14
CA VAL B 153 -4.91 1.33 4.69
C VAL B 153 -5.75 1.76 3.53
N GLY B 154 -5.37 1.33 2.35
CA GLY B 154 -6.12 1.68 1.15
C GLY B 154 -5.31 1.59 -0.12
N SER B 155 -5.72 2.35 -1.14
CA SER B 155 -5.01 2.29 -2.39
C SER B 155 -4.95 3.63 -3.07
N VAL B 156 -3.82 3.88 -3.75
CA VAL B 156 -3.64 5.05 -4.57
C VAL B 156 -3.51 4.54 -6.02
N THR B 157 -4.34 5.06 -6.93
CA THR B 157 -4.29 4.71 -8.36
C THR B 157 -3.95 5.97 -9.14
N LEU B 158 -2.82 5.93 -9.86
CA LEU B 158 -2.34 7.07 -10.64
C LEU B 158 -2.19 6.70 -12.08
N SER B 159 -2.76 7.56 -12.93
CA SER B 159 -2.70 7.39 -14.38
C SER B 159 -2.43 8.74 -15.04
N GLY B 160 -1.99 8.69 -16.29
CA GLY B 160 -1.63 9.87 -17.07
C GLY B 160 -0.15 9.89 -17.31
N SER B 161 0.49 11.03 -16.97
CA SER B 161 1.92 11.27 -17.19
CA SER B 161 1.94 11.21 -17.16
C SER B 161 2.53 12.12 -16.10
N ALA B 162 3.78 11.84 -15.73
CA ALA B 162 4.54 12.60 -14.75
C ALA B 162 6.00 12.67 -15.17
N GLY B 163 6.56 13.89 -15.26
CA GLY B 163 7.98 14.05 -15.60
C GLY B 163 8.90 13.30 -14.63
N ARG B 164 8.51 13.36 -13.34
CA ARG B 164 9.20 12.73 -12.23
C ARG B 164 8.18 12.24 -11.20
N ALA B 165 8.38 11.04 -10.66
CA ALA B 165 7.47 10.53 -9.64
C ALA B 165 8.21 9.90 -8.48
N ASP B 166 7.89 10.36 -7.27
CA ASP B 166 8.46 9.85 -6.04
C ASP B 166 7.32 9.12 -5.33
N ILE B 167 7.38 7.78 -5.32
CA ILE B 167 6.30 6.95 -4.81
C ILE B 167 6.79 6.02 -3.70
N SER B 168 6.01 5.94 -2.61
CA SER B 168 6.30 5.00 -1.50
C SER B 168 5.01 4.37 -1.04
N LYS B 169 5.04 3.14 -0.50
CA LYS B 169 3.84 2.51 0.02
C LYS B 169 4.18 1.75 1.32
N GLY B 170 4.17 2.45 2.44
CA GLY B 170 4.49 1.88 3.75
C GLY B 170 3.37 1.14 4.43
N GLY B 171 2.14 1.38 3.99
CA GLY B 171 0.96 0.78 4.59
C GLY B 171 0.45 -0.50 3.97
N ILE B 172 -0.85 -0.78 4.22
CA ILE B 172 -1.62 -1.95 3.78
C ILE B 172 -2.51 -1.55 2.60
N GLY B 173 -2.24 -2.13 1.44
CA GLY B 173 -2.96 -1.90 0.20
C GLY B 173 -1.96 -1.81 -0.96
N GLY B 174 -2.20 -0.89 -1.88
CA GLY B 174 -1.30 -0.76 -3.01
C GLY B 174 -1.29 0.59 -3.66
N VAL B 175 -0.22 0.84 -4.41
CA VAL B 175 -0.08 2.02 -5.24
C VAL B 175 -0.04 1.49 -6.66
N ASN B 176 -1.06 1.80 -7.47
CA ASN B 176 -1.13 1.33 -8.85
C ASN B 176 -0.74 2.47 -9.81
N THR B 177 0.36 2.27 -10.54
CA THR B 177 0.90 3.22 -11.52
C THR B 177 1.05 2.55 -12.90
N ASP B 178 0.28 1.48 -13.16
CA ASP B 178 0.32 0.71 -14.41
C ASP B 178 0.02 1.57 -15.62
N ASN B 179 -0.85 2.59 -15.48
CA ASN B 179 -1.23 3.46 -16.59
C ASN B 179 -0.64 4.88 -16.40
N LEU B 180 0.48 4.98 -15.65
CA LEU B 180 1.19 6.25 -15.44
C LEU B 180 2.52 6.23 -16.21
N LYS B 181 2.69 7.19 -17.15
CA LYS B 181 3.90 7.33 -17.95
C LYS B 181 4.87 8.26 -17.23
N ILE B 182 6.14 7.95 -17.35
CA ILE B 182 7.21 8.74 -16.78
C ILE B 182 7.96 9.43 -17.93
N GLY B 183 7.78 10.73 -17.99
CA GLY B 183 8.34 11.59 -19.03
C GLY B 183 7.30 12.54 -19.59
N LYS C 5 -10.68 -31.13 -21.84
CA LYS C 5 -10.83 -30.23 -20.69
C LYS C 5 -10.05 -30.75 -19.47
N GLU C 6 -9.31 -29.84 -18.79
CA GLU C 6 -8.48 -30.12 -17.61
C GLU C 6 -8.87 -29.21 -16.43
N SER C 7 -8.99 -29.79 -15.23
CA SER C 7 -9.36 -29.09 -14.00
C SER C 7 -8.12 -28.95 -13.08
N GLU C 8 -7.99 -27.80 -12.41
CA GLU C 8 -6.79 -27.48 -11.62
C GLU C 8 -7.10 -26.55 -10.43
N VAL C 9 -6.42 -26.75 -9.34
CA VAL C 9 -6.50 -25.94 -8.13
C VAL C 9 -5.20 -25.12 -8.03
N ARG C 10 -5.31 -23.84 -7.68
CA ARG C 10 -4.11 -23.00 -7.54
C ARG C 10 -4.02 -22.40 -6.16
N LYS C 11 -2.83 -22.56 -5.51
CA LYS C 11 -2.59 -22.01 -4.17
C LYS C 11 -2.33 -20.51 -4.34
N VAL C 12 -3.19 -19.68 -3.79
CA VAL C 12 -3.05 -18.25 -3.92
C VAL C 12 -2.98 -17.63 -2.51
N ASP C 13 -2.30 -16.49 -2.39
CA ASP C 13 -2.29 -15.68 -1.17
C ASP C 13 -3.68 -15.02 -0.96
N ALA C 14 -3.98 -14.54 0.25
CA ALA C 14 -5.24 -13.87 0.60
C ALA C 14 -5.43 -12.63 -0.27
N PHE C 15 -6.62 -12.51 -0.83
CA PHE C 15 -7.04 -11.42 -1.71
C PHE C 15 -8.43 -10.96 -1.29
N SER C 16 -8.73 -9.67 -1.53
CA SER C 16 -10.04 -9.05 -1.26
C SER C 16 -10.52 -8.29 -2.51
N SER C 17 -9.72 -8.28 -3.59
CA SER C 17 -10.05 -7.71 -4.90
C SER C 17 -9.71 -8.70 -6.00
N ILE C 18 -10.41 -8.59 -7.13
CA ILE C 18 -10.20 -9.46 -8.29
C ILE C 18 -10.14 -8.61 -9.55
N GLU C 19 -9.08 -8.75 -10.33
CA GLU C 19 -8.96 -8.06 -11.61
C GLU C 19 -8.71 -9.10 -12.67
N ILE C 20 -9.56 -9.18 -13.70
CA ILE C 20 -9.34 -10.15 -14.77
C ILE C 20 -9.09 -9.35 -16.08
N THR C 21 -7.92 -9.62 -16.70
CA THR C 21 -7.44 -8.95 -17.92
C THR C 21 -7.49 -9.91 -19.13
N SER C 22 -7.64 -11.24 -18.89
CA SER C 22 -7.71 -12.25 -19.93
C SER C 22 -9.20 -12.64 -20.18
N VAL C 23 -9.49 -13.89 -20.58
CA VAL C 23 -10.83 -14.36 -20.94
C VAL C 23 -11.26 -15.47 -19.98
N GLY C 24 -12.47 -15.35 -19.43
CA GLY C 24 -13.01 -16.35 -18.54
C GLY C 24 -14.25 -15.99 -17.74
N THR C 25 -14.99 -17.04 -17.27
CA THR C 25 -16.16 -17.01 -16.44
C THR C 25 -15.74 -17.23 -14.99
N ILE C 26 -16.14 -16.36 -14.10
CA ILE C 26 -15.83 -16.47 -12.67
C ILE C 26 -17.10 -16.74 -11.91
N HIS C 27 -17.09 -17.81 -11.07
CA HIS C 27 -18.19 -18.15 -10.14
C HIS C 27 -17.69 -17.89 -8.75
N PHE C 28 -18.22 -16.84 -8.08
CA PHE C 28 -17.72 -16.47 -6.76
C PHE C 28 -18.67 -16.94 -5.67
N THR C 29 -18.06 -17.50 -4.61
CA THR C 29 -18.75 -17.96 -3.39
C THR C 29 -18.14 -17.25 -2.18
N GLN C 30 -18.98 -16.58 -1.36
CA GLN C 30 -18.46 -16.02 -0.11
C GLN C 30 -18.23 -17.16 0.87
N SER C 31 -17.02 -17.26 1.42
CA SER C 31 -16.63 -18.33 2.36
C SER C 31 -15.47 -17.88 3.25
N ASP C 32 -15.29 -18.43 4.43
CA ASP C 32 -14.15 -18.10 5.28
C ASP C 32 -12.85 -18.61 4.68
N THR C 33 -12.95 -19.57 3.74
CA THR C 33 -11.82 -20.24 3.10
C THR C 33 -11.58 -19.69 1.72
N TYR C 34 -10.32 -19.32 1.46
CA TYR C 34 -9.88 -18.87 0.15
C TYR C 34 -9.70 -20.07 -0.73
N SER C 35 -10.15 -20.03 -2.00
CA SER C 35 -9.91 -21.14 -2.93
C SER C 35 -10.00 -20.67 -4.36
N PHE C 36 -9.10 -21.16 -5.21
CA PHE C 36 -9.06 -20.88 -6.63
C PHE C 36 -8.97 -22.19 -7.41
N ARG C 37 -9.98 -22.44 -8.25
CA ARG C 37 -10.06 -23.63 -9.11
C ARG C 37 -10.34 -23.17 -10.53
N ILE C 38 -9.63 -23.75 -11.51
CA ILE C 38 -9.75 -23.36 -12.91
C ILE C 38 -9.89 -24.62 -13.80
N GLU C 39 -10.79 -24.54 -14.79
CA GLU C 39 -11.12 -25.62 -15.74
C GLU C 39 -11.25 -25.04 -17.15
N GLY C 40 -10.95 -25.87 -18.14
CA GLY C 40 -11.00 -25.56 -19.56
C GLY C 40 -9.97 -26.35 -20.34
N ARG C 41 -9.74 -25.96 -21.63
CA ARG C 41 -8.73 -26.61 -22.47
C ARG C 41 -7.38 -26.35 -21.85
N GLU C 42 -6.53 -27.40 -21.76
CA GLU C 42 -5.21 -27.41 -21.13
C GLU C 42 -4.35 -26.19 -21.58
N LYS C 43 -4.33 -25.88 -22.89
CA LYS C 43 -3.59 -24.73 -23.44
C LYS C 43 -4.06 -23.44 -22.78
N TYR C 44 -5.38 -23.22 -22.63
CA TYR C 44 -5.91 -21.98 -22.04
C TYR C 44 -5.66 -21.93 -20.54
N VAL C 45 -5.83 -23.05 -19.83
CA VAL C 45 -5.61 -23.16 -18.38
C VAL C 45 -4.14 -22.85 -18.07
N LYS C 46 -3.19 -23.43 -18.82
CA LYS C 46 -1.76 -23.24 -18.60
C LYS C 46 -1.32 -21.83 -19.05
N ASN C 47 -2.03 -21.17 -19.98
CA ASN C 47 -1.69 -19.80 -20.36
C ASN C 47 -2.43 -18.77 -19.45
N THR C 48 -3.19 -19.22 -18.43
CA THR C 48 -3.85 -18.29 -17.51
C THR C 48 -2.92 -18.06 -16.31
N GLU C 49 -2.50 -16.82 -16.09
CA GLU C 49 -1.62 -16.45 -14.99
C GLU C 49 -2.42 -15.84 -13.85
N THR C 50 -2.18 -16.37 -12.64
CA THR C 50 -2.79 -15.92 -11.38
C THR C 50 -1.69 -15.37 -10.49
N THR C 51 -1.85 -14.13 -9.98
CA THR C 51 -0.88 -13.53 -9.09
C THR C 51 -1.65 -12.72 -8.08
N VAL C 52 -1.13 -12.62 -6.85
CA VAL C 52 -1.78 -11.78 -5.83
C VAL C 52 -0.76 -10.71 -5.47
N LYS C 53 -1.12 -9.45 -5.75
CA LYS C 53 -0.25 -8.31 -5.47
C LYS C 53 -1.05 -7.30 -4.66
N ASP C 54 -0.56 -7.01 -3.43
CA ASP C 54 -1.17 -6.06 -2.50
C ASP C 54 -2.66 -6.43 -2.23
N GLY C 55 -2.92 -7.74 -2.02
CA GLY C 55 -4.25 -8.27 -1.76
C GLY C 55 -5.22 -8.25 -2.94
N ARG C 56 -4.68 -8.06 -4.17
CA ARG C 56 -5.51 -8.04 -5.38
C ARG C 56 -5.14 -9.26 -6.23
N LEU C 57 -6.13 -10.14 -6.50
CA LEU C 57 -5.97 -11.32 -7.34
C LEU C 57 -6.05 -10.89 -8.78
N LEU C 58 -4.94 -11.06 -9.50
CA LEU C 58 -4.80 -10.69 -10.91
C LEU C 58 -4.89 -11.95 -11.77
N ILE C 59 -5.84 -11.99 -12.69
CA ILE C 59 -6.04 -13.09 -13.63
C ILE C 59 -5.77 -12.54 -15.04
N GLY C 60 -4.73 -13.05 -15.69
CA GLY C 60 -4.35 -12.60 -17.03
C GLY C 60 -3.65 -13.68 -17.83
N PHE C 61 -3.06 -13.32 -18.99
CA PHE C 61 -2.33 -14.27 -19.81
C PHE C 61 -0.85 -14.30 -19.43
N LYS C 62 -0.22 -15.49 -19.48
CA LYS C 62 1.22 -15.63 -19.24
C LYS C 62 2.01 -14.98 -20.37
N ASP C 63 1.56 -15.15 -21.64
CA ASP C 63 2.16 -14.56 -22.83
C ASP C 63 1.10 -13.91 -23.70
N ASP C 74 -13.82 -22.09 -25.77
CA ASP C 74 -13.79 -20.63 -25.88
C ASP C 74 -12.72 -20.08 -24.90
N GLY C 75 -13.07 -20.02 -23.60
CA GLY C 75 -12.18 -19.54 -22.54
C GLY C 75 -12.16 -20.48 -21.34
N VAL C 76 -11.69 -20.00 -20.16
CA VAL C 76 -11.63 -20.83 -18.94
C VAL C 76 -12.82 -20.48 -18.01
N THR C 77 -13.11 -21.40 -17.07
CA THR C 77 -14.08 -21.28 -16.01
C THR C 77 -13.27 -21.26 -14.71
N ILE C 78 -13.63 -20.33 -13.79
CA ILE C 78 -12.87 -20.17 -12.56
C ILE C 78 -13.81 -20.13 -11.37
N TRP C 79 -13.57 -20.96 -10.35
CA TRP C 79 -14.34 -20.97 -9.09
C TRP C 79 -13.49 -20.35 -8.02
N ILE C 80 -14.01 -19.29 -7.40
CA ILE C 80 -13.31 -18.52 -6.39
C ILE C 80 -14.15 -18.42 -5.16
N SER C 81 -13.49 -18.55 -3.98
CA SER C 81 -14.14 -18.33 -2.70
C SER C 81 -13.21 -17.44 -1.87
N ALA C 82 -13.78 -16.52 -1.10
CA ALA C 82 -13.06 -15.55 -0.25
C ALA C 82 -14.02 -14.96 0.76
N PRO C 83 -13.56 -14.57 1.98
CA PRO C 83 -14.53 -14.02 2.96
C PRO C 83 -14.96 -12.60 2.61
N ASP C 84 -14.11 -11.83 1.90
CA ASP C 84 -14.43 -10.45 1.55
C ASP C 84 -14.13 -10.16 0.07
N LEU C 85 -14.84 -9.17 -0.48
CA LEU C 85 -14.70 -8.72 -1.85
C LEU C 85 -14.91 -7.22 -1.86
N LYS C 86 -13.92 -6.48 -2.31
CA LYS C 86 -13.96 -5.03 -2.32
C LYS C 86 -14.14 -4.52 -3.71
N GLU C 87 -13.43 -5.09 -4.67
CA GLU C 87 -13.56 -4.63 -6.03
C GLU C 87 -13.37 -5.80 -6.96
N VAL C 88 -14.11 -5.74 -8.04
CA VAL C 88 -14.06 -6.65 -9.18
C VAL C 88 -13.87 -5.77 -10.42
N GLU C 89 -12.75 -5.95 -11.11
CA GLU C 89 -12.49 -5.14 -12.28
C GLU C 89 -12.35 -6.06 -13.47
N PHE C 90 -13.15 -5.80 -14.50
CA PHE C 90 -13.12 -6.51 -15.78
C PHE C 90 -12.36 -5.74 -16.90
N THR C 91 -11.07 -5.98 -17.06
CA THR C 91 -10.26 -5.31 -18.09
C THR C 91 -10.37 -6.12 -19.44
N GLY C 92 -10.47 -7.46 -19.35
CA GLY C 92 -10.61 -8.35 -20.50
C GLY C 92 -12.04 -8.73 -20.83
N VAL C 93 -12.32 -10.05 -20.97
CA VAL C 93 -13.63 -10.57 -21.40
C VAL C 93 -14.10 -11.71 -20.48
N GLY C 94 -15.36 -11.65 -20.06
CA GLY C 94 -15.93 -12.72 -19.26
C GLY C 94 -17.11 -12.32 -18.43
N GLU C 95 -17.53 -13.27 -17.56
CA GLU C 95 -18.61 -13.14 -16.61
C GLU C 95 -18.11 -13.20 -15.22
N PHE C 96 -18.78 -12.50 -14.34
CA PHE C 96 -18.58 -12.61 -12.91
C PHE C 96 -19.94 -12.96 -12.32
N ASN C 97 -20.10 -14.19 -11.84
CA ASN C 97 -21.40 -14.66 -11.31
C ASN C 97 -21.36 -14.97 -9.82
N CYS C 98 -22.38 -14.47 -9.05
CA CYS C 98 -22.57 -14.86 -7.65
C CYS C 98 -24.06 -15.10 -7.41
N GLU C 99 -24.46 -16.38 -7.48
CA GLU C 99 -25.85 -16.79 -7.30
C GLU C 99 -26.22 -17.01 -5.83
N LYS C 100 -25.21 -17.27 -4.97
CA LYS C 100 -25.40 -17.50 -3.52
C LYS C 100 -25.46 -16.15 -2.74
N PRO C 101 -26.01 -16.10 -1.50
CA PRO C 101 -26.02 -14.83 -0.75
C PRO C 101 -24.61 -14.26 -0.55
N LEU C 102 -24.50 -12.94 -0.77
CA LEU C 102 -23.25 -12.18 -0.61
C LEU C 102 -23.52 -11.03 0.34
N LYS C 103 -22.75 -10.93 1.43
CA LYS C 103 -22.92 -9.90 2.48
C LYS C 103 -21.58 -9.18 2.61
N LEU C 104 -21.50 -7.93 2.13
CA LEU C 104 -20.23 -7.21 2.11
C LEU C 104 -20.32 -5.82 2.74
N ASP C 105 -19.18 -5.13 2.87
CA ASP C 105 -19.15 -3.74 3.37
C ASP C 105 -19.33 -2.80 2.13
N GLU C 106 -18.26 -2.53 1.42
CA GLU C 106 -18.29 -1.72 0.19
C GLU C 106 -17.81 -2.58 -0.95
N VAL C 107 -18.57 -2.68 -2.03
CA VAL C 107 -18.12 -3.48 -3.17
C VAL C 107 -18.31 -2.66 -4.46
N SER C 108 -17.30 -2.70 -5.36
CA SER C 108 -17.36 -2.05 -6.65
C SER C 108 -17.11 -3.04 -7.77
N PHE C 109 -17.89 -2.88 -8.83
CA PHE C 109 -17.83 -3.67 -10.06
C PHE C 109 -17.55 -2.73 -11.19
N GLU C 110 -16.35 -2.88 -11.77
CA GLU C 110 -15.85 -2.08 -12.87
C GLU C 110 -15.80 -2.89 -14.12
N VAL C 111 -16.57 -2.51 -15.14
CA VAL C 111 -16.47 -3.16 -16.46
C VAL C 111 -15.77 -2.17 -17.43
N LYS C 112 -14.56 -2.49 -17.91
CA LYS C 112 -13.80 -1.63 -18.82
C LYS C 112 -13.59 -2.29 -20.20
N GLY C 113 -13.62 -3.62 -20.24
CA GLY C 113 -13.47 -4.39 -21.48
C GLY C 113 -14.83 -4.88 -21.94
N VAL C 114 -15.03 -6.23 -21.90
CA VAL C 114 -16.31 -6.84 -22.24
C VAL C 114 -16.68 -7.72 -21.05
N GLY C 115 -17.48 -7.20 -20.14
CA GLY C 115 -17.83 -7.96 -18.95
C GLY C 115 -19.31 -8.02 -18.64
N GLU C 116 -19.70 -9.10 -17.95
CA GLU C 116 -21.07 -9.35 -17.52
C GLU C 116 -21.02 -9.67 -16.04
N VAL C 117 -21.70 -8.88 -15.20
CA VAL C 117 -21.75 -9.08 -13.75
C VAL C 117 -23.16 -9.53 -13.38
N ASN C 118 -23.29 -10.71 -12.76
CA ASN C 118 -24.58 -11.26 -12.33
C ASN C 118 -24.52 -11.58 -10.86
N VAL C 119 -25.23 -10.78 -10.04
CA VAL C 119 -25.25 -10.94 -8.58
C VAL C 119 -26.73 -11.06 -8.15
N ALA C 120 -27.12 -12.26 -7.73
CA ALA C 120 -28.50 -12.62 -7.38
C ALA C 120 -28.99 -12.10 -6.02
N ASP C 121 -28.09 -11.97 -5.03
CA ASP C 121 -28.49 -11.67 -3.67
C ASP C 121 -27.34 -11.01 -2.88
N LEU C 122 -27.23 -9.69 -3.03
CA LEU C 122 -26.20 -8.87 -2.38
C LEU C 122 -26.80 -8.00 -1.26
N THR C 123 -26.12 -7.97 -0.11
CA THR C 123 -26.41 -7.10 1.04
C THR C 123 -25.12 -6.37 1.37
N CYS C 124 -25.12 -5.04 1.33
CA CYS C 124 -23.88 -4.31 1.62
C CYS C 124 -24.20 -2.92 2.11
N ASN C 125 -23.15 -2.18 2.51
CA ASN C 125 -23.32 -0.77 2.88
C ASN C 125 -23.31 0.06 1.63
N VAL C 126 -22.27 -0.16 0.77
CA VAL C 126 -22.08 0.62 -0.44
C VAL C 126 -21.90 -0.32 -1.65
N LEU C 127 -22.68 -0.08 -2.71
CA LEU C 127 -22.54 -0.74 -4.01
C LEU C 127 -22.13 0.29 -5.07
N LYS C 128 -21.01 0.06 -5.79
CA LYS C 128 -20.57 0.92 -6.88
C LYS C 128 -20.51 0.11 -8.14
N VAL C 129 -21.18 0.58 -9.21
CA VAL C 129 -21.19 -0.09 -10.52
C VAL C 129 -20.73 0.91 -11.59
N ALA C 130 -19.77 0.53 -12.44
CA ALA C 130 -19.36 1.45 -13.51
C ALA C 130 -19.15 0.66 -14.80
N LEU C 131 -20.08 0.79 -15.76
CA LEU C 131 -20.02 0.10 -17.06
C LEU C 131 -19.34 1.04 -18.09
N ARG C 132 -17.99 1.08 -18.09
CA ARG C 132 -17.22 1.97 -18.98
C ARG C 132 -17.04 1.34 -20.33
N GLY C 133 -16.94 0.02 -20.37
CA GLY C 133 -16.72 -0.68 -21.62
C GLY C 133 -17.98 -1.19 -22.27
N VAL C 134 -17.96 -2.48 -22.63
CA VAL C 134 -19.10 -3.16 -23.25
C VAL C 134 -19.61 -4.23 -22.28
N GLY C 135 -20.91 -4.34 -22.11
CA GLY C 135 -21.41 -5.43 -21.28
C GLY C 135 -22.67 -5.16 -20.51
N SER C 136 -22.80 -5.84 -19.37
CA SER C 136 -23.97 -5.73 -18.58
C SER C 136 -23.71 -6.05 -17.10
N ALA C 137 -24.60 -5.55 -16.26
CA ALA C 137 -24.61 -5.80 -14.84
C ALA C 137 -26.03 -5.99 -14.43
N ASP C 138 -26.32 -7.15 -13.81
CA ASP C 138 -27.62 -7.53 -13.36
C ASP C 138 -27.48 -7.90 -11.89
N ILE C 139 -27.86 -6.96 -11.01
CA ILE C 139 -27.64 -7.09 -9.58
C ILE C 139 -28.95 -6.85 -8.80
N HIS C 140 -29.19 -7.74 -7.83
CA HIS C 140 -30.25 -7.63 -6.82
C HIS C 140 -29.54 -7.29 -5.53
N VAL C 141 -29.80 -6.12 -4.98
CA VAL C 141 -29.09 -5.58 -3.83
C VAL C 141 -30.01 -4.87 -2.84
N VAL C 142 -29.59 -4.93 -1.59
CA VAL C 142 -30.10 -4.22 -0.42
C VAL C 142 -28.86 -3.47 0.12
N CYS C 143 -28.87 -2.12 0.05
CA CYS C 143 -27.70 -1.36 0.51
C CYS C 143 -28.11 0.00 1.09
N ASP C 144 -27.16 0.69 1.76
CA ASP C 144 -27.35 2.07 2.22
C ASP C 144 -27.16 3.07 1.09
N TYR C 145 -26.12 2.84 0.26
CA TYR C 145 -25.78 3.73 -0.82
C TYR C 145 -25.39 2.95 -2.05
N LEU C 146 -25.94 3.37 -3.18
CA LEU C 146 -25.72 2.74 -4.48
C LEU C 146 -25.29 3.79 -5.52
N SER C 147 -24.21 3.55 -6.18
CA SER C 147 -23.67 4.43 -7.23
C SER C 147 -23.55 3.63 -8.51
N ALA C 148 -24.27 4.02 -9.58
CA ALA C 148 -24.18 3.30 -10.87
C ALA C 148 -24.01 4.27 -12.04
N GLN C 149 -23.07 3.96 -12.93
CA GLN C 149 -22.82 4.79 -14.09
C GLN C 149 -22.60 3.87 -15.29
N MSE C 150 -23.30 4.20 -16.38
CA MSE C 150 -23.28 3.50 -17.66
C MSE C 150 -22.73 4.44 -18.73
O MSE C 150 -23.49 5.08 -19.44
CB MSE C 150 -24.71 3.01 -17.98
CG MSE C 150 -24.79 1.59 -18.53
SE MSE C 150 -23.86 1.39 -20.23
CE MSE C 150 -25.07 2.64 -21.29
N GLY C 151 -21.40 4.52 -18.85
CA GLY C 151 -20.79 5.40 -19.85
C GLY C 151 -20.48 4.74 -21.17
N GLY C 152 -20.55 3.43 -21.20
CA GLY C 152 -20.20 2.65 -22.37
C GLY C 152 -21.41 2.17 -23.12
N VAL C 153 -21.31 0.95 -23.65
CA VAL C 153 -22.34 0.30 -24.44
C VAL C 153 -22.78 -0.96 -23.69
N GLY C 154 -24.02 -0.95 -23.25
CA GLY C 154 -24.56 -2.07 -22.51
C GLY C 154 -25.71 -1.69 -21.62
N SER C 155 -25.97 -2.52 -20.61
CA SER C 155 -27.08 -2.23 -19.73
C SER C 155 -26.79 -2.61 -18.30
N VAL C 156 -27.36 -1.84 -17.39
CA VAL C 156 -27.28 -2.09 -15.97
C VAL C 156 -28.71 -2.31 -15.50
N THR C 157 -28.98 -3.46 -14.86
CA THR C 157 -30.30 -3.78 -14.29
C THR C 157 -30.13 -3.89 -12.78
N LEU C 158 -30.82 -3.02 -12.04
CA LEU C 158 -30.74 -3.00 -10.58
C LEU C 158 -32.12 -3.20 -9.97
N SER C 159 -32.20 -4.18 -9.07
CA SER C 159 -33.44 -4.46 -8.34
C SER C 159 -33.14 -4.53 -6.85
N GLY C 160 -34.16 -4.27 -6.02
CA GLY C 160 -34.03 -4.32 -4.57
C GLY C 160 -34.28 -2.99 -3.90
N SER C 161 -33.42 -2.64 -2.92
CA SER C 161 -33.61 -1.41 -2.16
C SER C 161 -32.29 -0.73 -1.88
N ALA C 162 -32.26 0.60 -1.94
CA ALA C 162 -31.06 1.42 -1.69
C ALA C 162 -31.47 2.66 -0.89
N GLY C 163 -30.85 2.87 0.28
CA GLY C 163 -31.16 4.04 1.11
C GLY C 163 -31.02 5.36 0.37
N ARG C 164 -29.94 5.48 -0.44
CA ARG C 164 -29.57 6.59 -1.33
C ARG C 164 -29.04 6.01 -2.61
N ALA C 165 -29.23 6.67 -3.74
CA ALA C 165 -28.65 6.18 -4.98
C ALA C 165 -28.25 7.34 -5.85
N ASP C 166 -27.18 7.14 -6.65
CA ASP C 166 -26.67 8.08 -7.62
C ASP C 166 -26.53 7.32 -8.90
N ILE C 167 -27.43 7.59 -9.87
CA ILE C 167 -27.46 6.86 -11.14
C ILE C 167 -27.32 7.82 -12.32
N SER C 168 -26.45 7.46 -13.30
CA SER C 168 -26.24 8.21 -14.53
C SER C 168 -26.13 7.26 -15.70
N LYS C 169 -26.53 7.69 -16.93
CA LYS C 169 -26.38 6.86 -18.14
C LYS C 169 -25.92 7.74 -19.30
N GLY C 170 -24.61 7.91 -19.40
CA GLY C 170 -24.00 8.72 -20.44
C GLY C 170 -23.78 8.01 -21.76
N GLY C 171 -23.84 6.69 -21.75
CA GLY C 171 -23.58 5.89 -22.94
C GLY C 171 -24.79 5.43 -23.71
N ILE C 172 -24.60 4.32 -24.47
CA ILE C 172 -25.60 3.65 -25.31
C ILE C 172 -26.09 2.36 -24.59
N GLY C 173 -27.38 2.34 -24.32
CA GLY C 173 -28.02 1.22 -23.67
C GLY C 173 -29.04 1.73 -22.71
N GLY C 174 -29.05 1.13 -21.54
CA GLY C 174 -30.03 1.52 -20.55
C GLY C 174 -29.68 1.14 -19.14
N VAL C 175 -30.25 1.88 -18.23
CA VAL C 175 -30.15 1.60 -16.79
C VAL C 175 -31.59 1.29 -16.39
N ASN C 176 -31.85 0.04 -15.96
CA ASN C 176 -33.19 -0.37 -15.55
C ASN C 176 -33.21 -0.45 -14.02
N THR C 177 -34.03 0.40 -13.40
CA THR C 177 -34.22 0.47 -11.93
C THR C 177 -35.69 0.37 -11.59
N ASP C 178 -36.50 -0.27 -12.47
CA ASP C 178 -37.96 -0.38 -12.30
C ASP C 178 -38.32 -1.06 -11.01
N ASN C 179 -37.54 -2.04 -10.58
CA ASN C 179 -37.79 -2.80 -9.35
C ASN C 179 -36.74 -2.46 -8.26
N LEU C 180 -36.23 -1.22 -8.29
CA LEU C 180 -35.29 -0.73 -7.27
C LEU C 180 -35.97 0.39 -6.46
N LYS C 181 -36.06 0.25 -5.13
CA LYS C 181 -36.62 1.31 -4.28
C LYS C 181 -35.47 2.18 -3.77
N ILE C 182 -35.60 3.51 -3.83
CA ILE C 182 -34.53 4.46 -3.45
C ILE C 182 -35.07 5.47 -2.47
N GLY C 183 -34.44 5.63 -1.30
CA GLY C 183 -34.85 6.63 -0.31
C GLY C 183 -34.52 8.07 -0.70
N LYS D 5 19.13 -6.73 40.59
CA LYS D 5 18.46 -6.94 39.30
C LYS D 5 19.30 -7.85 38.38
N GLU D 6 18.63 -8.82 37.71
CA GLU D 6 19.25 -9.77 36.79
C GLU D 6 18.55 -9.72 35.41
N SER D 7 19.35 -9.73 34.32
CA SER D 7 18.89 -9.71 32.94
C SER D 7 19.06 -11.11 32.32
N GLU D 8 18.08 -11.58 31.55
CA GLU D 8 18.10 -12.93 31.00
C GLU D 8 17.39 -13.02 29.63
N VAL D 9 17.96 -13.82 28.74
CA VAL D 9 17.43 -14.10 27.41
C VAL D 9 16.90 -15.54 27.43
N ARG D 10 15.72 -15.78 26.82
CA ARG D 10 15.15 -17.12 26.82
C ARG D 10 14.91 -17.61 25.41
N LYS D 11 15.38 -18.85 25.12
CA LYS D 11 15.22 -19.46 23.80
C LYS D 11 13.81 -19.99 23.71
N VAL D 12 13.02 -19.45 22.79
CA VAL D 12 11.63 -19.85 22.67
C VAL D 12 11.34 -20.20 21.20
N ASP D 13 10.37 -21.10 21.01
CA ASP D 13 9.85 -21.50 19.71
C ASP D 13 9.04 -20.37 19.08
N ALA D 14 8.71 -20.51 17.78
CA ALA D 14 7.96 -19.54 16.99
C ALA D 14 6.54 -19.34 17.55
N PHE D 15 6.22 -18.09 17.82
CA PHE D 15 4.92 -17.75 18.35
C PHE D 15 4.34 -16.56 17.58
N SER D 16 3.00 -16.46 17.53
CA SER D 16 2.28 -15.36 16.86
C SER D 16 1.16 -14.84 17.83
N SER D 17 1.02 -15.47 19.00
CA SER D 17 0.10 -15.07 20.08
C SER D 17 0.83 -15.00 21.42
N ILE D 18 0.36 -14.15 22.34
CA ILE D 18 0.97 -13.99 23.65
C ILE D 18 -0.14 -14.04 24.73
N GLU D 19 0.01 -14.94 25.74
CA GLU D 19 -0.91 -15.09 26.86
C GLU D 19 -0.10 -14.82 28.15
N ILE D 20 -0.28 -13.63 28.75
CA ILE D 20 0.44 -13.16 29.94
C ILE D 20 -0.44 -13.11 31.21
N THR D 21 0.10 -13.72 32.27
CA THR D 21 -0.39 -13.66 33.63
C THR D 21 0.84 -13.28 34.47
N SER D 22 1.07 -11.96 34.68
CA SER D 22 2.25 -11.49 35.45
C SER D 22 2.14 -10.04 35.95
N VAL D 23 3.10 -9.62 36.81
CA VAL D 23 3.17 -8.22 37.23
C VAL D 23 4.55 -7.69 36.66
N GLY D 24 4.43 -6.57 35.94
CA GLY D 24 5.53 -5.89 35.28
C GLY D 24 5.15 -5.26 33.96
N THR D 25 6.16 -4.71 33.26
CA THR D 25 5.99 -4.02 31.98
C THR D 25 6.51 -4.94 30.86
N ILE D 26 5.68 -5.19 29.83
CA ILE D 26 6.03 -5.99 28.67
C ILE D 26 6.12 -5.02 27.48
N HIS D 27 7.26 -5.01 26.75
CA HIS D 27 7.54 -4.19 25.56
C HIS D 27 7.58 -5.06 24.32
N PHE D 28 6.66 -4.87 23.36
CA PHE D 28 6.68 -5.66 22.12
C PHE D 28 7.21 -4.84 20.98
N THR D 29 8.12 -5.46 20.18
CA THR D 29 8.73 -4.90 18.97
C THR D 29 8.48 -5.83 17.79
N GLN D 30 7.93 -5.31 16.70
CA GLN D 30 7.77 -6.11 15.50
C GLN D 30 9.14 -6.22 14.82
N SER D 31 9.56 -7.44 14.48
CA SER D 31 10.89 -7.75 13.89
C SER D 31 10.90 -9.13 13.27
N ASP D 32 11.71 -9.37 12.22
CA ASP D 32 11.82 -10.70 11.60
C ASP D 32 12.38 -11.75 12.57
N THR D 33 13.03 -11.29 13.66
CA THR D 33 13.68 -12.13 14.65
C THR D 33 12.85 -12.27 15.91
N TYR D 34 12.62 -13.51 16.32
CA TYR D 34 11.96 -13.83 17.56
C TYR D 34 12.92 -13.63 18.71
N SER D 35 12.49 -13.01 19.82
CA SER D 35 13.36 -12.82 20.99
C SER D 35 12.56 -12.60 22.24
N PHE D 36 13.03 -13.22 23.33
CA PHE D 36 12.41 -13.05 24.64
C PHE D 36 13.53 -12.69 25.62
N ARG D 37 13.34 -11.58 26.34
CA ARG D 37 14.31 -11.06 27.30
C ARG D 37 13.55 -10.59 28.51
N ILE D 38 14.07 -10.82 29.68
CA ILE D 38 13.43 -10.49 30.93
C ILE D 38 14.49 -9.95 31.90
N GLU D 39 14.11 -8.91 32.63
CA GLU D 39 14.95 -8.24 33.62
C GLU D 39 14.09 -7.95 34.87
N GLY D 40 14.75 -7.96 36.03
CA GLY D 40 14.14 -7.71 37.32
C GLY D 40 14.85 -8.45 38.44
N ARG D 41 14.22 -8.45 39.63
CA ARG D 41 14.74 -9.17 40.79
C ARG D 41 14.77 -10.64 40.46
N GLU D 42 15.86 -11.29 40.86
CA GLU D 42 16.21 -12.68 40.62
C GLU D 42 15.01 -13.59 40.92
N LYS D 43 14.41 -13.44 42.12
CA LYS D 43 13.25 -14.18 42.60
C LYS D 43 12.09 -14.10 41.57
N TYR D 44 11.78 -12.91 41.04
CA TYR D 44 10.66 -12.75 40.10
C TYR D 44 11.00 -13.31 38.72
N VAL D 45 12.24 -13.10 38.24
CA VAL D 45 12.72 -13.60 36.94
C VAL D 45 12.68 -15.15 36.95
N LYS D 46 13.19 -15.78 38.03
CA LYS D 46 13.24 -17.23 38.13
C LYS D 46 11.84 -17.82 38.32
N ASN D 47 10.89 -17.06 38.90
CA ASN D 47 9.54 -17.58 39.08
C ASN D 47 8.66 -17.27 37.82
N THR D 48 9.23 -16.66 36.76
CA THR D 48 8.46 -16.39 35.54
C THR D 48 8.65 -17.59 34.59
N GLU D 49 7.54 -18.26 34.24
CA GLU D 49 7.56 -19.41 33.33
C GLU D 49 7.12 -19.00 31.93
N THR D 50 7.89 -19.42 30.92
CA THR D 50 7.61 -19.17 29.52
C THR D 50 7.55 -20.49 28.78
N THR D 51 6.49 -20.70 27.99
CA THR D 51 6.32 -21.90 27.19
C THR D 51 5.59 -21.51 25.90
N VAL D 52 5.81 -22.25 24.80
CA VAL D 52 5.12 -21.98 23.55
C VAL D 52 4.34 -23.26 23.24
N LYS D 53 3.01 -23.11 23.15
CA LYS D 53 2.11 -24.23 22.83
C LYS D 53 1.25 -23.83 21.66
N ASP D 54 1.38 -24.56 20.52
CA ASP D 54 0.67 -24.37 19.26
C ASP D 54 0.75 -22.89 18.82
N GLY D 55 1.98 -22.37 18.80
CA GLY D 55 2.31 -21.02 18.39
C GLY D 55 1.86 -19.91 19.32
N ARG D 56 1.47 -20.25 20.56
CA ARG D 56 1.04 -19.26 21.55
C ARG D 56 2.08 -19.20 22.70
N LEU D 57 2.69 -18.02 22.90
CA LEU D 57 3.67 -17.81 23.97
C LEU D 57 2.92 -17.59 25.26
N LEU D 58 3.13 -18.49 26.24
CA LEU D 58 2.48 -18.43 27.54
C LEU D 58 3.48 -17.93 28.59
N ILE D 59 3.17 -16.79 29.23
CA ILE D 59 3.96 -16.18 30.31
C ILE D 59 3.13 -16.21 31.58
N GLY D 60 3.62 -16.94 32.58
CA GLY D 60 2.96 -17.11 33.86
C GLY D 60 3.94 -17.42 34.97
N PHE D 61 3.44 -17.83 36.14
CA PHE D 61 4.28 -18.16 37.29
C PHE D 61 4.58 -19.64 37.32
N LYS D 62 5.81 -20.01 37.75
CA LYS D 62 6.22 -21.41 37.90
C LYS D 62 5.45 -22.04 39.05
N ASP D 63 5.30 -21.31 40.17
CA ASP D 63 4.52 -21.76 41.31
C ASP D 63 3.59 -20.63 41.81
N LYS D 64 2.38 -21.02 42.24
CA LYS D 64 1.41 -20.09 42.81
C LYS D 64 1.81 -19.76 44.25
N LYS D 65 2.22 -18.50 44.47
CA LYS D 65 2.61 -17.94 45.75
C LYS D 65 1.75 -16.70 46.06
N ASN D 66 1.24 -16.62 47.30
CA ASN D 66 0.37 -15.52 47.76
C ASN D 66 1.21 -14.23 48.02
N LYS D 67 0.53 -13.14 48.45
CA LYS D 67 1.04 -11.80 48.81
C LYS D 67 1.66 -11.11 47.58
N SER D 68 0.80 -10.34 46.85
CA SER D 68 1.17 -9.58 45.64
C SER D 68 0.64 -8.15 45.73
N LYS D 73 3.13 -5.13 43.61
CA LYS D 73 2.78 -4.01 42.73
C LYS D 73 4.02 -3.52 41.92
N ASP D 74 5.13 -4.32 41.94
CA ASP D 74 6.42 -4.11 41.24
C ASP D 74 7.08 -5.48 40.92
N GLY D 75 7.46 -5.68 39.64
CA GLY D 75 8.00 -6.95 39.17
C GLY D 75 9.07 -6.95 38.09
N VAL D 76 8.72 -7.48 36.91
CA VAL D 76 9.70 -7.68 35.85
C VAL D 76 9.47 -6.78 34.64
N THR D 77 10.51 -6.70 33.78
CA THR D 77 10.47 -6.04 32.48
C THR D 77 10.78 -7.10 31.44
N ILE D 78 9.86 -7.29 30.51
CA ILE D 78 9.98 -8.27 29.44
C ILE D 78 10.03 -7.57 28.11
N TRP D 79 10.98 -7.97 27.24
CA TRP D 79 11.08 -7.52 25.86
C TRP D 79 10.80 -8.69 24.95
N ILE D 80 9.88 -8.50 24.02
CA ILE D 80 9.48 -9.53 23.06
C ILE D 80 9.54 -8.96 21.69
N SER D 81 10.00 -9.77 20.73
CA SER D 81 9.98 -9.40 19.32
C SER D 81 9.50 -10.62 18.54
N ALA D 82 8.73 -10.38 17.49
CA ALA D 82 8.14 -11.38 16.60
C ALA D 82 7.69 -10.72 15.30
N PRO D 83 7.71 -11.41 14.14
CA PRO D 83 7.27 -10.74 12.90
C PRO D 83 5.74 -10.52 12.86
N ASP D 84 4.96 -11.40 13.53
CA ASP D 84 3.51 -11.31 13.49
C ASP D 84 2.93 -11.42 14.91
N LEU D 85 1.82 -10.75 15.13
CA LEU D 85 1.09 -10.73 16.38
C LEU D 85 -0.39 -10.91 16.05
N LYS D 86 -1.05 -11.92 16.61
CA LYS D 86 -2.46 -12.19 16.33
C LYS D 86 -3.33 -11.91 17.57
N GLU D 87 -2.94 -12.48 18.73
CA GLU D 87 -3.67 -12.34 19.99
C GLU D 87 -2.76 -11.98 21.15
N VAL D 88 -3.20 -11.03 21.96
CA VAL D 88 -2.57 -10.65 23.22
C VAL D 88 -3.65 -10.81 24.26
N GLU D 89 -3.43 -11.75 25.17
CA GLU D 89 -4.33 -12.00 26.27
C GLU D 89 -3.53 -11.66 27.52
N PHE D 90 -3.85 -10.53 28.15
CA PHE D 90 -3.11 -10.02 29.30
C PHE D 90 -4.00 -9.90 30.56
N THR D 91 -3.67 -10.69 31.59
CA THR D 91 -4.27 -10.67 32.92
C THR D 91 -3.16 -10.34 33.91
N GLY D 92 -3.21 -9.17 34.51
CA GLY D 92 -2.19 -8.82 35.48
C GLY D 92 -2.12 -7.40 35.96
N VAL D 93 -0.99 -7.08 36.54
CA VAL D 93 -0.61 -5.76 37.01
C VAL D 93 0.54 -5.30 36.14
N GLY D 94 0.36 -4.18 35.46
CA GLY D 94 1.40 -3.68 34.59
C GLY D 94 0.93 -3.31 33.19
N GLU D 95 1.87 -3.34 32.22
CA GLU D 95 1.56 -2.87 30.87
C GLU D 95 2.08 -3.77 29.76
N PHE D 96 1.36 -3.80 28.61
CA PHE D 96 1.76 -4.35 27.32
C PHE D 96 1.97 -3.11 26.42
N ASN D 97 3.21 -2.74 26.17
CA ASN D 97 3.51 -1.55 25.38
C ASN D 97 4.13 -1.85 24.05
N CYS D 98 3.67 -1.11 23.00
CA CYS D 98 4.21 -1.13 21.59
C CYS D 98 4.41 0.31 21.19
N GLU D 99 5.60 0.88 21.41
CA GLU D 99 5.83 2.29 21.07
C GLU D 99 6.32 2.47 19.61
N LYS D 100 6.86 1.41 19.02
CA LYS D 100 7.38 1.40 17.65
C LYS D 100 6.26 1.07 16.62
N PRO D 101 6.43 1.43 15.30
CA PRO D 101 5.38 1.12 14.32
C PRO D 101 5.06 -0.39 14.28
N LEU D 102 3.78 -0.70 14.17
CA LEU D 102 3.28 -2.07 14.13
C LEU D 102 2.36 -2.19 12.94
N LYS D 103 2.63 -3.14 12.05
CA LYS D 103 1.84 -3.35 10.83
C LYS D 103 1.39 -4.81 10.81
N LEU D 104 0.10 -5.04 11.02
CA LEU D 104 -0.41 -6.41 11.16
C LEU D 104 -1.63 -6.68 10.29
N ASP D 105 -2.11 -7.94 10.26
CA ASP D 105 -3.31 -8.29 9.51
C ASP D 105 -4.51 -8.13 10.48
N GLU D 106 -4.75 -9.12 11.33
CA GLU D 106 -5.80 -9.05 12.35
C GLU D 106 -5.15 -9.19 13.73
N VAL D 107 -5.42 -8.26 14.65
CA VAL D 107 -4.82 -8.35 15.99
C VAL D 107 -5.95 -8.12 17.03
N SER D 108 -5.93 -8.90 18.12
CA SER D 108 -6.88 -8.76 19.22
C SER D 108 -6.11 -8.63 20.53
N PHE D 109 -6.61 -7.72 21.38
CA PHE D 109 -6.11 -7.44 22.71
C PHE D 109 -7.22 -7.68 23.69
N GLU D 110 -7.06 -8.69 24.58
CA GLU D 110 -8.02 -8.96 25.63
C GLU D 110 -7.30 -8.59 26.92
N VAL D 111 -7.75 -7.54 27.58
CA VAL D 111 -7.08 -6.99 28.75
C VAL D 111 -7.97 -7.17 29.95
N LYS D 112 -7.48 -7.93 30.92
CA LYS D 112 -8.11 -8.29 32.18
C LYS D 112 -7.28 -7.76 33.37
N GLY D 113 -7.78 -7.97 34.60
CA GLY D 113 -7.15 -7.54 35.85
C GLY D 113 -6.93 -6.05 35.93
N VAL D 114 -5.69 -5.62 36.19
CA VAL D 114 -5.32 -4.20 36.17
C VAL D 114 -4.30 -4.00 34.97
N GLY D 115 -4.55 -4.73 33.88
CA GLY D 115 -3.71 -4.65 32.69
C GLY D 115 -3.89 -3.35 31.95
N GLU D 116 -2.86 -2.92 31.21
CA GLU D 116 -2.88 -1.68 30.42
C GLU D 116 -2.19 -1.96 29.09
N VAL D 117 -2.87 -1.70 27.97
CA VAL D 117 -2.35 -1.88 26.62
C VAL D 117 -2.08 -0.51 26.00
N ASN D 118 -0.84 -0.25 25.60
CA ASN D 118 -0.41 1.02 25.01
C ASN D 118 0.22 0.74 23.66
N VAL D 119 -0.48 1.15 22.57
CA VAL D 119 -0.02 0.94 21.21
C VAL D 119 -0.02 2.31 20.53
N ALA D 120 1.20 2.83 20.25
CA ALA D 120 1.43 4.18 19.74
C ALA D 120 1.16 4.33 18.23
N ASP D 121 1.36 3.27 17.44
CA ASP D 121 1.32 3.38 15.98
C ASP D 121 1.03 2.01 15.31
N LEU D 122 -0.26 1.65 15.26
CA LEU D 122 -0.72 0.41 14.66
C LEU D 122 -1.42 0.63 13.33
N THR D 123 -1.10 -0.23 12.34
CA THR D 123 -1.72 -0.28 11.02
C THR D 123 -2.16 -1.72 10.82
N CYS D 124 -3.44 -1.97 10.59
CA CYS D 124 -3.90 -3.36 10.43
C CYS D 124 -5.18 -3.39 9.62
N ASN D 125 -5.65 -4.60 9.30
CA ASN D 125 -6.95 -4.76 8.65
C ASN D 125 -8.01 -4.76 9.71
N VAL D 126 -7.84 -5.59 10.75
CA VAL D 126 -8.80 -5.74 11.83
C VAL D 126 -8.12 -5.55 13.20
N LEU D 127 -8.69 -4.68 14.04
CA LEU D 127 -8.32 -4.46 15.44
C LEU D 127 -9.49 -4.88 16.33
N LYS D 128 -9.26 -5.80 17.29
CA LYS D 128 -10.28 -6.21 18.27
C LYS D 128 -9.75 -5.89 19.63
N VAL D 129 -10.54 -5.21 20.46
CA VAL D 129 -10.11 -4.87 21.84
C VAL D 129 -11.20 -5.31 22.78
N ALA D 130 -10.81 -5.99 23.89
CA ALA D 130 -11.75 -6.41 24.93
C ALA D 130 -11.21 -6.02 26.28
N LEU D 131 -11.98 -5.26 27.05
CA LEU D 131 -11.53 -4.84 28.38
C LEU D 131 -12.48 -5.36 29.46
N ARG D 132 -11.93 -6.16 30.40
CA ARG D 132 -12.62 -6.74 31.58
C ARG D 132 -11.89 -6.33 32.87
N GLY D 133 -12.63 -6.21 33.95
CA GLY D 133 -12.11 -5.81 35.26
C GLY D 133 -11.75 -4.34 35.21
N VAL D 134 -10.45 -4.03 35.43
CA VAL D 134 -9.97 -2.65 35.33
C VAL D 134 -8.94 -2.59 34.17
N GLY D 135 -9.17 -3.41 33.14
CA GLY D 135 -8.37 -3.46 31.92
C GLY D 135 -8.51 -2.16 31.17
N SER D 136 -7.37 -1.59 30.71
CA SER D 136 -7.30 -0.30 30.03
C SER D 136 -6.43 -0.37 28.78
N ALA D 137 -6.79 0.42 27.76
CA ALA D 137 -6.08 0.49 26.50
C ALA D 137 -6.04 1.91 26.00
N ASP D 138 -4.94 2.22 25.33
CA ASP D 138 -4.64 3.48 24.68
C ASP D 138 -3.98 3.10 23.36
N ILE D 139 -4.76 3.15 22.27
CA ILE D 139 -4.30 2.70 20.96
C ILE D 139 -4.56 3.78 19.91
N HIS D 140 -3.53 4.04 19.10
CA HIS D 140 -3.55 4.86 17.91
C HIS D 140 -3.46 3.88 16.73
N VAL D 141 -4.50 3.83 15.91
CA VAL D 141 -4.64 2.83 14.87
C VAL D 141 -5.24 3.43 13.59
N VAL D 142 -4.82 2.82 12.48
CA VAL D 142 -5.33 2.99 11.13
C VAL D 142 -5.75 1.59 10.70
N CYS D 143 -7.07 1.32 10.54
CA CYS D 143 -7.54 -0.04 10.19
C CYS D 143 -8.80 0.00 9.32
N ASP D 144 -9.19 -1.16 8.75
CA ASP D 144 -10.45 -1.31 8.01
C ASP D 144 -11.62 -1.51 8.95
N TYR D 145 -11.44 -2.43 9.92
CA TYR D 145 -12.48 -2.76 10.88
C TYR D 145 -11.89 -2.71 12.28
N LEU D 146 -12.62 -2.06 13.20
CA LEU D 146 -12.24 -1.93 14.60
C LEU D 146 -13.41 -2.36 15.46
N SER D 147 -13.16 -3.29 16.37
CA SER D 147 -14.17 -3.81 17.30
C SER D 147 -13.68 -3.59 18.70
N ALA D 148 -14.45 -2.90 19.54
CA ALA D 148 -14.06 -2.64 20.93
C ALA D 148 -15.21 -2.84 21.84
N GLN D 149 -15.01 -3.70 22.85
CA GLN D 149 -16.02 -3.97 23.88
C GLN D 149 -15.43 -3.54 25.25
N MSE D 150 -15.96 -2.44 25.78
CA MSE D 150 -15.57 -1.95 27.10
C MSE D 150 -16.58 -2.57 28.08
O MSE D 150 -17.72 -2.11 28.18
CB MSE D 150 -15.48 -0.41 27.12
CG MSE D 150 -15.31 0.23 28.53
SE MSE D 150 -14.01 -0.59 29.79
CE MSE D 150 -13.74 0.88 30.88
N GLY D 151 -16.17 -3.68 28.70
CA GLY D 151 -17.01 -4.45 29.58
C GLY D 151 -16.73 -4.42 31.06
N GLY D 152 -15.79 -3.56 31.47
CA GLY D 152 -15.44 -3.44 32.88
C GLY D 152 -15.41 -2.02 33.36
N VAL D 153 -14.42 -1.73 34.20
CA VAL D 153 -14.11 -0.44 34.83
C VAL D 153 -12.77 0.02 34.21
N GLY D 154 -12.34 1.24 34.45
CA GLY D 154 -11.08 1.66 33.82
C GLY D 154 -11.38 2.51 32.61
N SER D 155 -10.63 2.36 31.48
CA SER D 155 -10.90 3.24 30.32
C SER D 155 -10.24 2.78 29.00
N VAL D 156 -10.91 3.07 27.84
CA VAL D 156 -10.36 2.77 26.51
C VAL D 156 -10.28 4.07 25.73
N THR D 157 -9.07 4.39 25.22
CA THR D 157 -8.81 5.59 24.41
C THR D 157 -8.38 5.13 23.02
N LEU D 158 -9.16 5.52 22.01
CA LEU D 158 -8.88 5.16 20.62
C LEU D 158 -8.74 6.40 19.76
N SER D 159 -7.67 6.45 18.96
CA SER D 159 -7.41 7.54 18.03
C SER D 159 -6.91 6.98 16.72
N GLY D 160 -6.98 7.82 15.68
CA GLY D 160 -6.61 7.48 14.32
C GLY D 160 -7.83 7.38 13.44
N SER D 161 -7.91 6.32 12.63
CA SER D 161 -8.98 6.16 11.64
C SER D 161 -9.36 4.69 11.49
N ALA D 162 -10.66 4.41 11.35
CA ALA D 162 -11.20 3.06 11.19
C ALA D 162 -12.30 3.08 10.12
N GLY D 163 -12.20 2.25 9.08
CA GLY D 163 -13.18 2.19 8.00
C GLY D 163 -14.59 1.94 8.53
N ARG D 164 -14.65 1.04 9.52
CA ARG D 164 -15.81 0.63 10.30
C ARG D 164 -15.41 0.45 11.75
N ALA D 165 -16.26 0.85 12.72
CA ALA D 165 -15.98 0.63 14.15
C ALA D 165 -17.23 0.22 14.87
N ASP D 166 -17.14 -0.93 15.56
CA ASP D 166 -18.22 -1.48 16.39
C ASP D 166 -17.76 -1.33 17.80
N ILE D 167 -18.30 -0.34 18.51
CA ILE D 167 -17.87 -0.03 19.87
C ILE D 167 -19.04 -0.17 20.82
N SER D 168 -18.84 -0.90 21.93
CA SER D 168 -19.88 -1.06 22.92
C SER D 168 -19.33 -0.74 24.28
N LYS D 169 -20.15 -0.06 25.10
CA LYS D 169 -19.86 0.28 26.49
C LYS D 169 -20.95 -0.36 27.34
N GLY D 170 -20.64 -1.49 27.95
CA GLY D 170 -21.53 -2.25 28.82
C GLY D 170 -21.21 -1.98 30.27
N GLY D 171 -19.96 -1.61 30.51
CA GLY D 171 -19.43 -1.24 31.80
C GLY D 171 -19.25 0.26 31.91
N ILE D 172 -18.88 0.73 33.10
CA ILE D 172 -18.67 2.13 33.42
C ILE D 172 -17.21 2.52 33.11
N GLY D 173 -16.80 3.69 33.59
CA GLY D 173 -15.42 4.12 33.39
C GLY D 173 -15.34 5.17 32.31
N GLY D 174 -14.69 4.82 31.20
CA GLY D 174 -14.56 5.76 30.10
C GLY D 174 -14.17 5.21 28.74
N VAL D 175 -14.81 5.73 27.68
CA VAL D 175 -14.43 5.34 26.31
C VAL D 175 -14.21 6.66 25.56
N ASN D 176 -12.94 6.95 25.18
CA ASN D 176 -12.64 8.21 24.49
C ASN D 176 -12.25 7.90 23.04
N THR D 177 -13.14 8.30 22.10
CA THR D 177 -12.97 8.14 20.65
C THR D 177 -12.98 9.51 20.02
N ASP D 178 -12.64 10.58 20.78
CA ASP D 178 -12.69 11.97 20.31
C ASP D 178 -11.82 12.20 19.09
N ASN D 179 -10.67 11.52 19.02
CA ASN D 179 -9.74 11.68 17.91
C ASN D 179 -9.71 10.41 17.03
N LEU D 180 -10.84 9.68 17.00
CA LEU D 180 -10.99 8.51 16.12
C LEU D 180 -11.98 8.84 14.99
N LYS D 181 -11.58 8.69 13.72
CA LYS D 181 -12.48 8.91 12.58
C LYS D 181 -13.04 7.54 12.17
N ILE D 182 -14.35 7.42 11.97
CA ILE D 182 -15.04 6.16 11.62
C ILE D 182 -15.86 6.36 10.35
N GLY D 183 -15.69 5.49 9.35
CA GLY D 183 -16.43 5.55 8.09
C GLY D 183 -17.93 5.30 8.19
C1 EDO E . 16.43 10.86 -9.47
O1 EDO E . 17.37 11.74 -8.87
C2 EDO E . 15.23 11.67 -9.97
O2 EDO E . 14.33 10.72 -10.49
C1 EDO F . 17.77 14.00 -15.57
O1 EDO F . 17.19 14.67 -14.45
C2 EDO F . 17.06 12.63 -15.80
O2 EDO F . 15.65 12.65 -15.95
C1 EDO G . 47.70 0.78 -7.68
O1 EDO G . 47.37 1.86 -8.54
C2 EDO G . 46.64 -0.36 -7.75
O2 EDO G . 46.40 -0.81 -9.08
C1 EDO H . 28.91 -12.62 -12.77
O1 EDO H . 28.95 -11.75 -11.64
C2 EDO H . 29.74 -12.06 -13.93
O2 EDO H . 29.25 -10.78 -14.27
C1 EDO I . 12.81 15.62 -15.07
O1 EDO I . 13.93 15.72 -15.93
C2 EDO I . 11.56 15.47 -15.97
O2 EDO I . 11.65 14.26 -16.72
C1 PGE J . -35.02 15.79 9.11
O1 PGE J . -34.57 17.04 9.62
C2 PGE J . -35.86 15.91 7.86
O2 PGE J . -35.08 16.42 6.77
C3 PGE J . -35.45 17.73 6.36
C4 PGE J . -34.74 18.18 5.10
O4 PGE J . -33.54 19.30 2.20
C6 PGE J . -34.03 18.00 1.85
C5 PGE J . -34.18 17.08 3.05
O3 PGE J . -35.21 17.50 3.93
C1 EDO K . -24.00 25.75 6.63
O1 EDO K . -24.76 24.70 6.03
C2 EDO K . -23.19 26.50 5.56
O2 EDO K . -24.06 27.01 4.55
C1 EDO L . 7.85 10.03 -0.61
O1 EDO L . 7.45 9.29 0.54
C2 EDO L . 6.65 10.30 -1.56
O2 EDO L . 5.67 11.14 -0.94
C1 PEG M . 0.06 -18.95 -12.83
O1 PEG M . 0.51 -18.14 -11.74
C2 PEG M . 0.24 -20.44 -12.58
O2 PEG M . -0.04 -21.16 -13.77
C3 PEG M . -0.34 -22.54 -13.60
C4 PEG M . -0.72 -23.14 -14.94
O4 PEG M . -1.21 -24.47 -14.84
C1 PEG N . -22.60 -18.86 -6.56
O1 PEG N . -21.81 -18.54 -5.45
C2 PEG N . -21.85 -18.64 -7.84
O2 PEG N . -22.78 -18.67 -8.91
C3 PEG N . -22.60 -19.76 -9.82
C4 PEG N . -23.32 -19.46 -11.11
O4 PEG N . -23.25 -20.54 -12.01
C1 EDO O . -6.03 -21.49 -1.88
O1 EDO O . -5.19 -20.35 -1.63
C2 EDO O . -6.20 -21.63 -3.41
O2 EDO O . -6.93 -22.79 -3.85
C1 EDO P . -15.44 -17.73 -22.04
O1 EDO P . -15.39 -18.50 -20.85
C2 EDO P . -16.33 -16.48 -21.83
O2 EDO P . -15.80 -15.70 -20.78
C1 EDO Q . 1.24 -15.05 -4.99
O1 EDO Q . 1.40 -14.29 -6.19
C2 EDO Q . -0.21 -15.62 -4.83
O2 EDO Q . -0.59 -16.43 -5.95
C1 EDO R . -17.92 -14.44 5.87
O1 EDO R . -16.87 -13.54 5.52
C2 EDO R . -17.86 -15.70 4.97
O2 EDO R . -19.02 -16.49 5.22
C1 EDO S . -28.48 -12.63 -11.00
O1 EDO S . -29.14 -13.77 -11.54
C2 EDO S . -29.24 -11.32 -11.35
O2 EDO S . -30.56 -11.31 -10.81
C1 EDO T . -8.05 -18.72 5.19
O1 EDO T . -7.09 -17.76 5.64
C2 EDO T . -7.45 -19.52 4.00
O2 EDO T . -8.43 -20.40 3.46
C1 PEG U . 4.17 -9.27 43.12
O1 PEG U . 4.09 -10.44 43.91
C2 PEG U . 5.47 -9.18 42.38
O2 PEG U . 5.66 -10.32 41.55
C3 PEG U . 6.05 -10.02 40.21
C4 PEG U . 6.17 -11.28 39.42
O4 PEG U . 6.39 -11.04 38.04
C1 EDO V . 5.45 -1.72 38.63
O1 EDO V . 6.31 -2.82 38.39
C2 EDO V . 4.24 -1.80 37.66
O2 EDO V . 3.59 -3.04 37.84
C1 EDO W . -20.61 9.10 31.22
O1 EDO W . -19.36 8.90 30.56
C2 EDO W . -21.72 8.32 30.46
O2 EDO W . -22.97 8.47 31.14
C1 EDO X . 9.88 -23.45 25.56
O1 EDO X . 10.08 -22.07 25.25
C2 EDO X . 8.72 -24.03 24.70
O2 EDO X . 8.99 -23.74 23.34
#